data_6I3F
#
_entry.id   6I3F
#
_cell.length_a   124.119
_cell.length_b   124.119
_cell.length_c   260.911
_cell.angle_alpha   90.00
_cell.angle_beta   90.00
_cell.angle_gamma   120.00
#
_symmetry.space_group_name_H-M   'P 63 2 2'
#
loop_
_entity.id
_entity.type
_entity.pdbx_description
1 polymer Angiotensinogen
2 polymer Renin
3 branched 2-acetamido-2-deoxy-beta-D-glucopyranose-(1-2)-alpha-D-mannopyranose-(1-3)-beta-D-mannopyranose-(1-4)-2-acetamido-2-deoxy-beta-D-glucopyranose-(1-4)-2-acetamido-2-deoxy-beta-D-glucopyranose
4 branched 2-acetamido-2-deoxy-beta-D-glucopyranose-(1-4)-[alpha-L-fucopyranose-(1-6)]2-acetamido-2-deoxy-beta-D-glucopyranose
5 non-polymer 'SULFATE ION'
6 non-polymer GLYCEROL
7 water water
#
loop_
_entity_poly.entity_id
_entity_poly.type
_entity_poly.pdbx_seq_one_letter_code
_entity_poly.pdbx_strand_id
1 'polypeptide(L)'
;DRVYIHPFHLVIHNESTCEQLAKANAGKPKDPTFIPAPIQAKTSPVDEKALQDQLVLVAAKLDTEDKLRAAMVGMLANFL
GFRIYGMHSELWGVVHGATVLSPTAVFGTLASLYLGALDHTADRLQAILGVPWKDKQCTSRLDAHKVLSALQAVQGLLVA
QGRADSQAQLLLSTVVGVFTAPGLHLKQPFVQGLALYTPVVLPRSLDFTELDVAAEKIDRFMQAVTGWKTGSSLMGASVD
STLAFNTYVHFQGKMKGFSLLAEPQEFWVDQSTSVSVPMLSGMGTFQHWSDIQDQFSVTQVPFTESASLLLIQPHYASDL
DKVEGLTFQQNSLNWMKKLSPRTIHLTMPQLVLQGSYDLQDLLAQAELPAILHTELNLQKLSNDRIRVGEVLNSIFFELE
ADEREPTESTQQLNKPEVLEVTLNRPFLFAVYDQSATALHFLGRVANPLSTAHHHHHH
;
A
2 'polypeptide(L)'
;LTLGNTTSSVILTNYMDTQYYGEIGIGTPPQTFKVVFDTGSSNVWVPSSKCSRLYTACVYHKLFDASDSSSYKHNGTELT
LRYSTGTVSGFLSQDIITVGGITVTQMFGEVTEMPALPFMLAEFDGVVGMGFIEQAIGRVTPIFDNIISQGVLKEDVFSF
YYNRDSENSQSLGGQIVLGGSDPQHYEGNFHYINLIKTGVWQIQMKGVSVGSSTLLCEDGCLALVATGASYISGSTSSIE
KLMEALGAKKRLFDYVVKCNEGPTLPDISFHLGGKEYTLTSADYVFQESYSSKKLCTLAIHAMDIPPPTGPTWALGATFI
RKFYTEFDRRNNRIGFALAR
;
B
#
# COMPACT_ATOMS: atom_id res chain seq x y z
N ASP A 1 -5.01 10.19 10.26
CA ASP A 1 -4.99 11.62 9.85
C ASP A 1 -4.26 11.75 8.50
N ARG A 2 -3.01 11.28 8.43
CA ARG A 2 -2.11 11.42 7.25
C ARG A 2 -1.98 10.08 6.52
N VAL A 3 -2.50 8.99 7.09
CA VAL A 3 -2.42 7.60 6.52
C VAL A 3 -3.80 7.15 6.06
N TYR A 4 -3.86 6.51 4.89
CA TYR A 4 -5.09 5.98 4.25
C TYR A 4 -5.44 4.62 4.84
N ILE A 5 -6.66 4.47 5.35
CA ILE A 5 -7.24 3.19 5.85
C ILE A 5 -8.23 2.67 4.79
N HIS A 6 -7.86 1.61 4.07
CA HIS A 6 -8.64 1.08 2.91
C HIS A 6 -9.88 0.35 3.42
N PRO A 7 -11.09 0.74 2.98
CA PRO A 7 -12.31 -0.02 3.26
C PRO A 7 -12.43 -1.20 2.28
N PHE A 8 -12.37 -2.43 2.79
CA PHE A 8 -12.38 -3.66 1.96
C PHE A 8 -13.82 -3.92 1.50
N HIS A 9 -13.96 -4.38 0.25
CA HIS A 9 -15.24 -4.82 -0.38
C HIS A 9 -14.96 -6.13 -1.10
N LEU A 10 -15.39 -7.26 -0.52
CA LEU A 10 -15.03 -8.64 -0.94
C LEU A 10 -16.23 -9.31 -1.64
N VAL A 11 -17.23 -8.52 -2.03
CA VAL A 11 -18.31 -8.98 -2.96
C VAL A 11 -17.65 -9.13 -4.34
N ILE A 12 -17.81 -10.31 -4.96
CA ILE A 12 -17.14 -10.66 -6.25
C ILE A 12 -17.99 -10.11 -7.40
N HIS A 13 -17.41 -9.19 -8.17
CA HIS A 13 -18.02 -8.54 -9.36
C HIS A 13 -18.18 -9.56 -10.48
N ASN A 14 -17.13 -10.36 -10.73
CA ASN A 14 -17.06 -11.40 -11.79
C ASN A 14 -17.13 -10.72 -13.17
N GLU A 15 -16.41 -9.59 -13.32
CA GLU A 15 -16.26 -8.84 -14.60
C GLU A 15 -14.87 -8.19 -14.63
N PRO A 29 3.68 0.84 -38.32
CA PRO A 29 4.23 -0.38 -38.91
C PRO A 29 5.61 -0.73 -38.31
N LYS A 30 6.60 0.15 -38.47
CA LYS A 30 7.98 -0.01 -37.94
C LYS A 30 8.26 1.11 -36.91
N ASP A 31 9.27 0.90 -36.07
CA ASP A 31 9.73 1.88 -35.03
C ASP A 31 11.01 2.55 -35.52
N PRO A 32 11.07 3.90 -35.60
CA PRO A 32 12.33 4.59 -35.85
C PRO A 32 13.38 4.25 -34.77
N THR A 33 14.64 4.14 -35.17
CA THR A 33 15.79 3.78 -34.28
C THR A 33 16.93 4.78 -34.53
N PHE A 34 17.94 4.76 -33.66
CA PHE A 34 19.15 5.61 -33.77
C PHE A 34 20.25 5.10 -32.84
N ILE A 35 21.51 5.27 -33.25
CA ILE A 35 22.71 5.13 -32.37
C ILE A 35 22.82 6.41 -31.56
N PRO A 36 22.67 6.36 -30.22
CA PRO A 36 22.85 7.55 -29.39
C PRO A 36 24.20 8.24 -29.64
N ALA A 37 24.26 9.56 -29.46
CA ALA A 37 25.47 10.39 -29.65
C ALA A 37 26.57 9.91 -28.72
N PRO A 38 27.86 9.93 -29.14
CA PRO A 38 28.95 9.51 -28.26
C PRO A 38 28.95 10.31 -26.95
N ILE A 39 29.28 9.63 -25.84
CA ILE A 39 29.27 10.20 -24.46
C ILE A 39 30.27 11.36 -24.37
N GLN A 40 31.37 11.29 -25.14
CA GLN A 40 32.46 12.30 -25.18
C GLN A 40 31.92 13.64 -25.68
N ALA A 41 30.88 13.63 -26.53
CA ALA A 41 30.29 14.82 -27.19
C ALA A 41 29.82 15.84 -26.14
N LYS A 42 29.88 17.13 -26.50
CA LYS A 42 29.58 18.28 -25.59
C LYS A 42 28.07 18.38 -25.36
N THR A 43 27.65 18.25 -24.09
CA THR A 43 26.25 18.43 -23.61
C THR A 43 26.21 19.59 -22.61
N SER A 44 25.18 20.43 -22.69
CA SER A 44 24.94 21.58 -21.79
C SER A 44 24.41 21.08 -20.44
N PRO A 45 24.79 21.71 -19.31
CA PRO A 45 24.30 21.30 -17.99
C PRO A 45 22.77 21.21 -17.90
N VAL A 46 22.27 20.28 -17.07
CA VAL A 46 20.82 20.09 -16.77
C VAL A 46 20.33 21.33 -16.00
N ASP A 47 19.27 21.97 -16.49
CA ASP A 47 18.61 23.13 -15.83
C ASP A 47 17.62 22.58 -14.79
N GLU A 48 18.02 22.56 -13.52
CA GLU A 48 17.22 22.00 -12.40
C GLU A 48 16.01 22.91 -12.14
N LYS A 49 16.19 24.23 -12.15
CA LYS A 49 15.12 25.24 -11.89
C LYS A 49 14.00 25.08 -12.93
N ALA A 50 14.37 24.89 -14.21
CA ALA A 50 13.42 24.73 -15.35
C ALA A 50 12.63 23.42 -15.20
N LEU A 51 13.29 22.35 -14.74
CA LEU A 51 12.68 21.01 -14.53
C LEU A 51 11.64 21.08 -13.40
N GLN A 52 11.93 21.84 -12.34
CA GLN A 52 10.99 22.06 -11.20
C GLN A 52 9.74 22.79 -11.72
N ASP A 53 9.93 23.92 -12.43
CA ASP A 53 8.86 24.72 -13.07
C ASP A 53 7.97 23.81 -13.93
N GLN A 54 8.61 22.92 -14.71
CA GLN A 54 7.93 21.97 -15.64
C GLN A 54 6.99 21.06 -14.85
N LEU A 55 7.43 20.57 -13.69
CA LEU A 55 6.66 19.64 -12.81
C LEU A 55 5.51 20.41 -12.14
N VAL A 56 5.76 21.65 -11.70
CA VAL A 56 4.75 22.52 -11.01
C VAL A 56 3.57 22.77 -11.95
N LEU A 57 3.83 22.95 -13.25
CA LEU A 57 2.76 23.15 -14.27
C LEU A 57 1.97 21.85 -14.44
N VAL A 58 2.65 20.70 -14.48
CA VAL A 58 2.03 19.34 -14.57
C VAL A 58 1.02 19.20 -13.42
N ALA A 59 1.43 19.56 -12.20
CA ALA A 59 0.61 19.51 -10.96
C ALA A 59 -0.64 20.37 -11.12
N ALA A 60 -0.47 21.63 -11.56
CA ALA A 60 -1.52 22.66 -11.69
C ALA A 60 -2.59 22.25 -12.71
N LYS A 61 -2.27 21.32 -13.62
CA LYS A 61 -3.17 20.87 -14.72
C LYS A 61 -3.70 19.46 -14.45
N LEU A 62 -3.48 18.90 -13.24
CA LEU A 62 -4.02 17.58 -12.81
C LEU A 62 -5.49 17.74 -12.43
N ASP A 63 -6.38 16.93 -13.00
CA ASP A 63 -7.78 16.77 -12.53
C ASP A 63 -7.78 15.80 -11.34
N THR A 64 -8.94 15.60 -10.69
CA THR A 64 -9.06 14.81 -9.44
C THR A 64 -8.85 13.31 -9.73
N GLU A 65 -9.16 12.86 -10.95
CA GLU A 65 -8.95 11.45 -11.38
C GLU A 65 -7.45 11.17 -11.50
N ASP A 66 -6.68 12.13 -12.04
CA ASP A 66 -5.21 12.05 -12.18
C ASP A 66 -4.56 11.94 -10.81
N LYS A 67 -5.05 12.72 -9.83
CA LYS A 67 -4.53 12.74 -8.43
C LYS A 67 -4.82 11.39 -7.74
N LEU A 68 -5.92 10.72 -8.09
CA LEU A 68 -6.28 9.37 -7.58
C LEU A 68 -5.29 8.33 -8.12
N ARG A 69 -5.07 8.32 -9.44
CA ARG A 69 -4.12 7.41 -10.13
C ARG A 69 -2.70 7.64 -9.59
N ALA A 70 -2.35 8.91 -9.32
CA ALA A 70 -1.05 9.31 -8.74
C ALA A 70 -0.92 8.71 -7.34
N ALA A 71 -1.97 8.80 -6.52
CA ALA A 71 -2.00 8.29 -5.13
C ALA A 71 -1.87 6.76 -5.12
N MET A 72 -2.44 6.08 -6.13
CA MET A 72 -2.41 4.60 -6.25
C MET A 72 -0.97 4.13 -6.53
N VAL A 73 -0.25 4.77 -7.46
CA VAL A 73 1.16 4.39 -7.80
C VAL A 73 2.05 4.80 -6.62
N GLY A 74 1.70 5.87 -5.91
CA GLY A 74 2.33 6.26 -4.64
C GLY A 74 2.34 5.09 -3.65
N MET A 75 1.18 4.45 -3.46
CA MET A 75 1.01 3.31 -2.52
C MET A 75 1.75 2.08 -3.06
N LEU A 76 1.63 1.80 -4.36
CA LEU A 76 2.35 0.68 -5.04
C LEU A 76 3.86 0.83 -4.83
N ALA A 77 4.38 2.06 -4.97
CA ALA A 77 5.82 2.39 -4.84
C ALA A 77 6.26 2.17 -3.39
N ASN A 78 5.43 2.54 -2.42
CA ASN A 78 5.70 2.34 -0.96
C ASN A 78 5.96 0.86 -0.68
N PHE A 79 5.09 -0.02 -1.18
CA PHE A 79 5.12 -1.49 -0.91
C PHE A 79 6.42 -2.07 -1.47
N LEU A 80 6.74 -1.76 -2.73
CA LEU A 80 7.98 -2.21 -3.42
C LEU A 80 9.19 -1.56 -2.75
N GLY A 81 9.07 -0.30 -2.32
CA GLY A 81 10.15 0.48 -1.69
C GLY A 81 10.58 -0.09 -0.36
N PHE A 82 9.61 -0.43 0.50
CA PHE A 82 9.86 -1.09 1.81
C PHE A 82 10.54 -2.45 1.58
N ARG A 83 10.06 -3.19 0.58
CA ARG A 83 10.56 -4.55 0.28
C ARG A 83 12.04 -4.47 -0.11
N ILE A 84 12.37 -3.62 -1.08
CA ILE A 84 13.74 -3.53 -1.68
C ILE A 84 14.69 -2.85 -0.68
N TYR A 85 14.16 -1.98 0.20
CA TYR A 85 14.93 -1.43 1.35
C TYR A 85 15.34 -2.58 2.28
N GLY A 86 14.38 -3.46 2.59
CA GLY A 86 14.58 -4.67 3.41
C GLY A 86 15.66 -5.56 2.82
N MET A 87 15.66 -5.74 1.50
CA MET A 87 16.66 -6.55 0.75
C MET A 87 18.05 -5.94 0.96
N HIS A 88 18.18 -4.63 0.74
CA HIS A 88 19.43 -3.85 0.94
C HIS A 88 19.94 -4.08 2.37
N SER A 89 19.07 -3.89 3.37
CA SER A 89 19.36 -3.99 4.82
C SER A 89 19.82 -5.41 5.17
N GLU A 90 19.18 -6.43 4.59
CA GLU A 90 19.48 -7.87 4.83
C GLU A 90 20.84 -8.23 4.20
N LEU A 91 21.02 -7.91 2.92
CA LEU A 91 22.12 -8.43 2.07
C LEU A 91 23.41 -7.61 2.29
N TRP A 92 23.30 -6.29 2.45
CA TRP A 92 24.48 -5.36 2.53
C TRP A 92 24.51 -4.58 3.86
N GLY A 93 23.36 -4.39 4.51
CA GLY A 93 23.23 -3.50 5.68
C GLY A 93 23.54 -2.06 5.32
N VAL A 94 24.06 -1.27 6.27
CA VAL A 94 24.45 0.15 6.07
C VAL A 94 25.90 0.19 5.58
N VAL A 95 26.11 0.62 4.33
CA VAL A 95 27.45 0.69 3.67
C VAL A 95 28.10 2.04 4.00
N HIS A 96 28.93 2.05 5.05
CA HIS A 96 29.82 3.18 5.46
C HIS A 96 29.00 4.44 5.78
N GLY A 97 28.03 4.33 6.70
CA GLY A 97 27.44 5.48 7.41
C GLY A 97 25.95 5.65 7.16
N ALA A 98 25.50 5.57 5.91
CA ALA A 98 24.12 5.90 5.51
C ALA A 98 23.62 4.96 4.39
N THR A 99 22.32 4.65 4.43
CA THR A 99 21.54 4.05 3.31
C THR A 99 20.37 4.99 3.01
N VAL A 100 20.26 5.44 1.76
CA VAL A 100 19.11 6.25 1.26
C VAL A 100 18.53 5.55 0.03
N LEU A 101 17.27 5.15 0.10
CA LEU A 101 16.50 4.52 -1.01
C LEU A 101 15.28 5.38 -1.31
N SER A 102 14.89 5.49 -2.58
CA SER A 102 13.70 6.22 -3.06
C SER A 102 12.68 5.22 -3.59
N PRO A 103 11.63 4.89 -2.81
CA PRO A 103 10.56 3.99 -3.27
C PRO A 103 10.01 4.35 -4.66
N THR A 104 9.82 5.65 -4.91
CA THR A 104 9.22 6.21 -6.15
C THR A 104 10.19 6.00 -7.33
N ALA A 105 11.48 6.28 -7.13
CA ALA A 105 12.54 6.14 -8.15
C ALA A 105 12.73 4.66 -8.50
N VAL A 106 12.80 3.80 -7.48
CA VAL A 106 12.97 2.32 -7.64
C VAL A 106 11.79 1.78 -8.46
N PHE A 107 10.57 2.21 -8.14
CA PHE A 107 9.33 1.86 -8.86
C PHE A 107 9.38 2.39 -10.30
N GLY A 108 9.88 3.63 -10.46
CA GLY A 108 10.03 4.31 -11.77
C GLY A 108 11.03 3.60 -12.66
N THR A 109 12.14 3.12 -12.08
CA THR A 109 13.21 2.37 -12.80
C THR A 109 12.62 1.10 -13.41
N LEU A 110 11.87 0.32 -12.61
CA LEU A 110 11.30 -0.98 -13.05
C LEU A 110 10.10 -0.76 -13.99
N ALA A 111 9.36 0.34 -13.81
CA ALA A 111 8.27 0.77 -14.72
C ALA A 111 8.85 1.22 -16.06
N SER A 112 10.02 1.89 -16.03
CA SER A 112 10.75 2.37 -17.24
C SER A 112 11.26 1.17 -18.04
N LEU A 113 11.80 0.14 -17.37
CA LEU A 113 12.29 -1.11 -18.02
C LEU A 113 11.10 -1.91 -18.54
N TYR A 114 9.97 -1.86 -17.84
CA TYR A 114 8.71 -2.56 -18.23
C TYR A 114 8.23 -2.06 -19.59
N LEU A 115 8.32 -0.74 -19.83
CA LEU A 115 7.94 -0.09 -21.10
C LEU A 115 8.67 -0.74 -22.28
N GLY A 116 9.93 -1.16 -22.08
CA GLY A 116 10.79 -1.77 -23.11
C GLY A 116 10.68 -3.28 -23.17
N ALA A 117 9.96 -3.90 -22.23
CA ALA A 117 9.94 -5.37 -22.01
C ALA A 117 8.79 -6.03 -22.77
N LEU A 118 8.97 -7.29 -23.17
CA LEU A 118 7.94 -8.15 -23.81
C LEU A 118 7.93 -9.52 -23.12
N ASP A 119 6.80 -10.23 -23.21
CA ASP A 119 6.62 -11.66 -22.84
C ASP A 119 7.02 -11.86 -21.37
N HIS A 120 7.94 -12.79 -21.08
CA HIS A 120 8.24 -13.28 -19.70
C HIS A 120 8.83 -12.15 -18.86
N THR A 121 9.70 -11.31 -19.45
CA THR A 121 10.35 -10.15 -18.77
C THR A 121 9.28 -9.13 -18.36
N ALA A 122 8.32 -8.84 -19.25
CA ALA A 122 7.18 -7.91 -19.01
C ALA A 122 6.29 -8.46 -17.89
N ASP A 123 5.94 -9.75 -17.97
CA ASP A 123 5.07 -10.44 -16.99
C ASP A 123 5.68 -10.35 -15.58
N ARG A 124 6.98 -10.61 -15.47
CA ARG A 124 7.73 -10.63 -14.18
C ARG A 124 7.80 -9.21 -13.60
N LEU A 125 8.11 -8.21 -14.43
CA LEU A 125 8.17 -6.78 -14.02
C LEU A 125 6.77 -6.31 -13.59
N GLN A 126 5.75 -6.65 -14.38
CA GLN A 126 4.32 -6.34 -14.09
C GLN A 126 3.96 -6.87 -12.70
N ALA A 127 4.41 -8.07 -12.36
CA ALA A 127 4.10 -8.78 -11.09
C ALA A 127 4.77 -8.05 -9.91
N ILE A 128 6.06 -7.71 -10.03
CA ILE A 128 6.87 -7.13 -8.90
C ILE A 128 6.45 -5.68 -8.65
N LEU A 129 6.05 -4.95 -9.71
CA LEU A 129 5.43 -3.59 -9.58
C LEU A 129 4.11 -3.73 -8.81
N GLY A 130 3.42 -4.85 -8.96
CA GLY A 130 2.28 -5.26 -8.11
C GLY A 130 0.94 -4.89 -8.71
N VAL A 131 0.90 -4.48 -9.99
CA VAL A 131 -0.33 -4.05 -10.71
C VAL A 131 -0.45 -4.84 -12.01
N LEU A 142 -0.68 -2.71 -16.76
CA LEU A 142 -0.48 -3.16 -18.16
C LEU A 142 0.01 -2.00 -19.01
N ASP A 143 -0.59 -0.81 -18.87
CA ASP A 143 -0.24 0.41 -19.65
C ASP A 143 0.89 1.14 -18.91
N ALA A 144 2.13 0.95 -19.37
CA ALA A 144 3.37 1.56 -18.82
C ALA A 144 3.27 3.09 -18.89
N HIS A 145 2.65 3.63 -19.94
CA HIS A 145 2.50 5.08 -20.22
C HIS A 145 1.72 5.74 -19.07
N LYS A 146 0.61 5.12 -18.63
CA LYS A 146 -0.29 5.62 -17.55
C LYS A 146 0.45 5.60 -16.21
N VAL A 147 1.21 4.53 -15.94
CA VAL A 147 1.99 4.33 -14.69
C VAL A 147 3.08 5.41 -14.60
N LEU A 148 3.82 5.63 -15.69
CA LEU A 148 4.93 6.61 -15.77
C LEU A 148 4.38 8.04 -15.66
N SER A 149 3.22 8.32 -16.25
CA SER A 149 2.52 9.64 -16.17
C SER A 149 2.11 9.91 -14.72
N ALA A 150 1.48 8.93 -14.07
CA ALA A 150 1.05 8.98 -12.65
C ALA A 150 2.25 9.29 -11.75
N LEU A 151 3.39 8.68 -12.04
CA LEU A 151 4.64 8.81 -11.24
C LEU A 151 5.22 10.22 -11.39
N GLN A 152 5.05 10.86 -12.55
CA GLN A 152 5.42 12.28 -12.78
C GLN A 152 4.50 13.18 -11.92
N ALA A 153 3.21 12.87 -11.89
CA ALA A 153 2.18 13.60 -11.11
C ALA A 153 2.55 13.58 -9.62
N VAL A 154 3.00 12.44 -9.12
CA VAL A 154 3.44 12.24 -7.70
C VAL A 154 4.54 13.25 -7.39
N GLN A 155 5.52 13.39 -8.29
CA GLN A 155 6.69 14.28 -8.12
C GLN A 155 6.22 15.75 -8.24
N GLY A 156 5.33 16.03 -9.19
CA GLY A 156 4.69 17.35 -9.35
C GLY A 156 3.95 17.78 -8.09
N LEU A 157 3.15 16.88 -7.52
CA LEU A 157 2.33 17.13 -6.30
C LEU A 157 3.23 17.51 -5.12
N LEU A 158 4.47 16.99 -5.07
CA LEU A 158 5.45 17.29 -4.01
C LEU A 158 5.99 18.71 -4.19
N VAL A 159 6.58 19.01 -5.36
CA VAL A 159 7.40 20.24 -5.60
C VAL A 159 6.47 21.45 -5.82
N ALA A 160 5.21 21.22 -6.18
CA ALA A 160 4.16 22.26 -6.32
C ALA A 160 3.86 22.90 -4.95
N GLN A 161 4.08 22.17 -3.86
CA GLN A 161 3.85 22.66 -2.47
C GLN A 161 4.94 23.67 -2.10
N GLY A 162 4.55 24.74 -1.40
CA GLY A 162 5.44 25.82 -0.93
C GLY A 162 5.76 26.82 -2.03
N ARG A 163 4.96 26.85 -3.10
CA ARG A 163 5.18 27.73 -4.30
C ARG A 163 4.25 28.94 -4.24
N ALA A 164 3.48 29.11 -3.14
CA ALA A 164 2.68 30.32 -2.84
C ALA A 164 3.62 31.48 -2.51
N ASP A 165 4.71 31.18 -1.77
CA ASP A 165 5.83 32.11 -1.48
C ASP A 165 6.96 31.84 -2.49
N SER A 166 7.89 32.78 -2.64
CA SER A 166 8.97 32.79 -3.66
C SER A 166 10.06 31.76 -3.32
N GLN A 167 10.12 31.29 -2.07
CA GLN A 167 11.07 30.26 -1.60
C GLN A 167 10.60 28.87 -2.05
N ALA A 168 11.52 28.04 -2.53
CA ALA A 168 11.28 26.63 -2.95
C ALA A 168 11.65 25.69 -1.80
N GLN A 169 10.67 25.36 -0.95
CA GLN A 169 10.85 24.45 0.22
C GLN A 169 11.27 23.05 -0.27
N LEU A 170 10.78 22.62 -1.44
CA LEU A 170 11.00 21.26 -1.98
C LEU A 170 11.51 21.35 -3.42
N LEU A 171 12.66 20.71 -3.69
CA LEU A 171 13.24 20.50 -5.04
C LEU A 171 13.52 19.00 -5.21
N LEU A 172 13.08 18.41 -6.32
CA LEU A 172 13.28 16.97 -6.65
C LEU A 172 13.63 16.83 -8.14
N SER A 173 14.91 16.65 -8.45
CA SER A 173 15.45 16.50 -9.84
C SER A 173 15.79 15.03 -10.09
N THR A 174 15.33 14.49 -11.23
CA THR A 174 15.69 13.13 -11.71
C THR A 174 16.34 13.27 -13.09
N VAL A 175 17.50 12.62 -13.28
CA VAL A 175 18.22 12.50 -14.57
C VAL A 175 18.44 11.02 -14.84
N VAL A 176 18.00 10.54 -16.01
CA VAL A 176 18.15 9.12 -16.43
C VAL A 176 19.22 9.03 -17.52
N GLY A 177 20.30 8.29 -17.25
CA GLY A 177 21.34 7.96 -18.23
C GLY A 177 21.07 6.60 -18.87
N VAL A 178 21.05 6.55 -20.21
CA VAL A 178 20.87 5.29 -21.00
C VAL A 178 22.11 5.10 -21.88
N PHE A 179 23.10 4.36 -21.36
CA PHE A 179 24.43 4.17 -22.00
C PHE A 179 24.43 2.84 -22.77
N THR A 180 24.72 2.90 -24.07
CA THR A 180 24.54 1.80 -25.06
C THR A 180 25.86 1.52 -25.78
N ALA A 181 26.14 0.25 -26.06
CA ALA A 181 27.35 -0.22 -26.79
C ALA A 181 27.19 0.07 -28.28
N PRO A 182 28.31 0.15 -29.04
CA PRO A 182 28.24 0.34 -30.49
C PRO A 182 27.41 -0.75 -31.19
N GLY A 183 26.52 -0.34 -32.10
CA GLY A 183 25.66 -1.24 -32.89
C GLY A 183 24.28 -1.42 -32.26
N LEU A 184 24.10 -0.98 -31.01
CA LEU A 184 22.80 -1.02 -30.31
C LEU A 184 22.00 0.24 -30.67
N HIS A 185 20.90 0.06 -31.41
CA HIS A 185 19.96 1.14 -31.83
C HIS A 185 18.80 1.21 -30.84
N LEU A 186 18.70 2.31 -30.08
CA LEU A 186 17.51 2.62 -29.24
C LEU A 186 16.31 2.88 -30.15
N LYS A 187 15.15 2.30 -29.83
CA LYS A 187 13.85 2.62 -30.48
C LYS A 187 13.35 3.96 -29.91
N GLN A 188 12.91 4.87 -30.79
CA GLN A 188 12.51 6.25 -30.42
C GLN A 188 11.27 6.22 -29.52
N PRO A 189 10.23 5.41 -29.83
CA PRO A 189 9.04 5.34 -28.99
C PRO A 189 9.34 5.06 -27.51
N PHE A 190 10.34 4.21 -27.24
CA PHE A 190 10.81 3.88 -25.86
C PHE A 190 11.32 5.16 -25.18
N VAL A 191 12.23 5.87 -25.85
CA VAL A 191 12.91 7.09 -25.31
C VAL A 191 11.86 8.17 -25.05
N GLN A 192 10.93 8.36 -25.99
CA GLN A 192 9.81 9.34 -25.89
C GLN A 192 8.85 8.92 -24.77
N GLY A 193 8.67 7.61 -24.58
CA GLY A 193 7.86 7.02 -23.49
C GLY A 193 8.40 7.36 -22.12
N LEU A 194 9.73 7.33 -21.94
CA LEU A 194 10.41 7.62 -20.64
C LEU A 194 10.15 9.07 -20.23
N ALA A 195 9.94 9.97 -21.20
CA ALA A 195 9.68 11.41 -20.99
C ALA A 195 8.38 11.63 -20.22
N LEU A 196 7.43 10.70 -20.31
CA LEU A 196 6.13 10.73 -19.57
C LEU A 196 6.40 10.79 -18.06
N TYR A 197 7.49 10.16 -17.59
CA TYR A 197 7.91 10.14 -16.16
C TYR A 197 9.04 11.15 -15.96
N THR A 198 10.17 10.96 -16.65
CA THR A 198 11.43 11.75 -16.50
C THR A 198 11.67 12.57 -17.77
N PRO A 199 11.45 13.91 -17.74
CA PRO A 199 11.74 14.75 -18.90
C PRO A 199 13.20 14.69 -19.36
N VAL A 200 14.14 14.66 -18.42
CA VAL A 200 15.61 14.65 -18.68
C VAL A 200 16.08 13.19 -18.85
N VAL A 201 16.22 12.74 -20.10
CA VAL A 201 16.75 11.40 -20.49
C VAL A 201 17.94 11.61 -21.43
N LEU A 202 19.13 11.15 -21.03
CA LEU A 202 20.41 11.35 -21.77
C LEU A 202 20.91 10.01 -22.28
N PRO A 203 20.48 9.57 -23.49
CA PRO A 203 21.06 8.40 -24.14
C PRO A 203 22.40 8.75 -24.81
N ARG A 204 23.46 8.00 -24.49
CA ARG A 204 24.83 8.21 -25.03
C ARG A 204 25.46 6.85 -25.37
N SER A 205 26.15 6.77 -26.52
CA SER A 205 26.93 5.58 -26.94
C SER A 205 28.26 5.56 -26.17
N LEU A 206 28.66 4.37 -25.72
CA LEU A 206 29.74 4.16 -24.71
C LEU A 206 30.37 2.78 -24.97
N ASP A 207 31.70 2.69 -24.99
CA ASP A 207 32.47 1.45 -25.23
C ASP A 207 32.59 0.69 -23.89
N PHE A 208 32.19 -0.60 -23.87
CA PHE A 208 32.12 -1.46 -22.67
C PHE A 208 33.28 -2.47 -22.62
N THR A 209 34.18 -2.45 -23.62
CA THR A 209 35.30 -3.42 -23.75
C THR A 209 36.20 -3.34 -22.50
N GLU A 210 36.44 -2.13 -21.97
CA GLU A 210 37.11 -1.88 -20.68
C GLU A 210 36.10 -1.26 -19.71
N LEU A 211 35.65 -2.05 -18.72
CA LEU A 211 34.53 -1.72 -17.80
C LEU A 211 34.94 -0.60 -16.83
N ASP A 212 36.20 -0.60 -16.40
CA ASP A 212 36.74 0.42 -15.45
C ASP A 212 36.81 1.78 -16.14
N VAL A 213 37.16 1.80 -17.44
CA VAL A 213 37.21 3.02 -18.29
C VAL A 213 35.78 3.49 -18.58
N ALA A 214 34.86 2.55 -18.79
CA ALA A 214 33.42 2.80 -19.05
C ALA A 214 32.79 3.52 -17.86
N ALA A 215 33.11 3.07 -16.64
CA ALA A 215 32.62 3.64 -15.36
C ALA A 215 33.12 5.08 -15.20
N GLU A 216 34.41 5.32 -15.45
CA GLU A 216 35.04 6.67 -15.39
C GLU A 216 34.30 7.64 -16.30
N LYS A 217 34.02 7.22 -17.55
CA LYS A 217 33.39 8.05 -18.60
C LYS A 217 31.97 8.46 -18.19
N ILE A 218 31.19 7.52 -17.64
CA ILE A 218 29.80 7.76 -17.15
C ILE A 218 29.86 8.77 -16.00
N ASP A 219 30.70 8.51 -14.99
CA ASP A 219 30.88 9.37 -13.79
C ASP A 219 31.32 10.78 -14.21
N ARG A 220 32.22 10.87 -15.20
CA ARG A 220 32.76 12.14 -15.77
C ARG A 220 31.61 12.90 -16.46
N PHE A 221 30.85 12.22 -17.33
CA PHE A 221 29.70 12.78 -18.08
C PHE A 221 28.63 13.30 -17.11
N MET A 222 28.32 12.53 -16.06
CA MET A 222 27.27 12.86 -15.07
C MET A 222 27.74 14.01 -14.16
N GLN A 223 29.05 14.09 -13.90
CA GLN A 223 29.68 15.23 -13.16
C GLN A 223 29.48 16.52 -13.97
N ALA A 224 29.69 16.46 -15.28
CA ALA A 224 29.60 17.60 -16.21
C ALA A 224 28.18 18.17 -16.21
N VAL A 225 27.17 17.32 -16.45
CA VAL A 225 25.77 17.73 -16.77
C VAL A 225 25.00 18.10 -15.50
N THR A 226 25.33 17.52 -14.34
CA THR A 226 24.60 17.71 -13.06
C THR A 226 25.46 18.42 -12.00
N GLY A 227 26.75 18.09 -11.93
CA GLY A 227 27.67 18.59 -10.87
C GLY A 227 27.60 17.72 -9.61
N TRP A 228 26.89 16.59 -9.67
CA TRP A 228 26.72 15.65 -8.52
C TRP A 228 27.88 14.65 -8.51
N LYS A 229 28.34 14.25 -7.32
CA LYS A 229 29.32 13.17 -7.10
C LYS A 229 28.61 11.82 -7.32
N THR A 230 29.00 11.07 -8.34
CA THR A 230 28.42 9.75 -8.72
C THR A 230 29.54 8.70 -8.77
N GLY A 231 29.17 7.42 -8.60
CA GLY A 231 30.08 6.27 -8.67
C GLY A 231 29.40 5.06 -9.31
N SER A 232 29.73 4.78 -10.57
CA SER A 232 29.22 3.63 -11.36
C SER A 232 29.76 2.32 -10.78
N SER A 233 28.96 1.25 -10.83
CA SER A 233 29.30 -0.11 -10.34
C SER A 233 29.78 -1.00 -11.50
N LEU A 234 30.05 -0.39 -12.66
CA LEU A 234 30.13 -1.10 -13.97
C LEU A 234 31.40 -1.98 -14.04
N MET A 235 32.38 -1.78 -13.15
CA MET A 235 33.59 -2.65 -13.05
C MET A 235 33.18 -4.11 -12.83
N GLY A 236 32.22 -4.35 -11.93
CA GLY A 236 31.75 -5.69 -11.54
C GLY A 236 30.58 -6.17 -12.38
N ALA A 237 30.56 -5.82 -13.68
CA ALA A 237 29.52 -6.19 -14.66
C ALA A 237 30.03 -7.31 -15.57
N SER A 238 29.15 -7.87 -16.40
CA SER A 238 29.49 -8.82 -17.50
C SER A 238 30.38 -8.11 -18.53
N VAL A 239 31.39 -8.81 -19.04
CA VAL A 239 32.34 -8.29 -20.08
C VAL A 239 31.58 -8.11 -21.40
N ASP A 240 30.44 -8.80 -21.58
CA ASP A 240 29.58 -8.73 -22.79
C ASP A 240 28.49 -7.66 -22.62
N SER A 241 28.53 -6.85 -21.55
CA SER A 241 27.52 -5.81 -21.24
C SER A 241 27.41 -4.81 -22.39
N THR A 242 26.18 -4.48 -22.79
CA THR A 242 25.87 -3.53 -23.90
C THR A 242 24.98 -2.37 -23.41
N LEU A 243 24.44 -2.43 -22.18
CA LEU A 243 23.45 -1.44 -21.68
C LEU A 243 23.66 -1.17 -20.19
N ALA A 244 23.77 0.10 -19.81
CA ALA A 244 23.62 0.62 -18.43
C ALA A 244 22.40 1.54 -18.40
N PHE A 245 21.51 1.35 -17.42
CA PHE A 245 20.28 2.15 -17.20
C PHE A 245 20.32 2.78 -15.80
N ASN A 246 20.88 3.98 -15.69
CA ASN A 246 21.23 4.64 -14.41
C ASN A 246 20.25 5.80 -14.14
N THR A 247 19.68 5.83 -12.93
CA THR A 247 18.76 6.89 -12.44
C THR A 247 19.48 7.69 -11.35
N TYR A 248 19.60 9.01 -11.54
CA TYR A 248 20.27 9.94 -10.61
C TYR A 248 19.23 10.93 -10.07
N VAL A 249 19.02 10.93 -8.75
CA VAL A 249 17.99 11.75 -8.05
C VAL A 249 18.69 12.75 -7.13
N HIS A 250 18.24 14.01 -7.13
CA HIS A 250 18.68 15.09 -6.21
C HIS A 250 17.46 15.65 -5.48
N PHE A 251 17.41 15.51 -4.16
CA PHE A 251 16.35 16.06 -3.29
C PHE A 251 16.95 17.16 -2.40
N GLN A 252 16.25 18.29 -2.31
CA GLN A 252 16.60 19.45 -1.45
C GLN A 252 15.33 19.84 -0.67
N GLY A 253 15.39 19.71 0.66
CA GLY A 253 14.25 19.92 1.56
C GLY A 253 14.57 20.94 2.65
N LYS A 254 13.90 22.09 2.62
CA LYS A 254 14.05 23.17 3.63
C LYS A 254 12.98 22.98 4.70
N MET A 255 13.40 22.59 5.90
CA MET A 255 12.51 22.28 7.04
C MET A 255 11.97 23.58 7.64
N LYS A 256 10.65 23.67 7.80
CA LYS A 256 9.91 24.90 8.20
C LYS A 256 10.27 25.28 9.64
N GLY A 257 10.92 26.43 9.84
CA GLY A 257 11.23 27.02 11.15
C GLY A 257 12.52 26.45 11.75
N PHE A 258 13.48 26.06 10.89
CA PHE A 258 14.79 25.49 11.29
C PHE A 258 15.92 26.39 10.79
N SER A 259 16.95 26.58 11.61
CA SER A 259 18.14 27.42 11.32
C SER A 259 19.41 26.59 11.58
N LEU A 260 20.47 26.87 10.82
CA LEU A 260 21.81 26.24 10.96
C LEU A 260 22.50 26.84 12.19
N LEU A 261 22.62 26.06 13.28
CA LEU A 261 23.37 26.46 14.50
C LEU A 261 24.80 26.81 14.09
N ALA A 262 25.34 27.91 14.63
CA ALA A 262 26.70 28.43 14.34
C ALA A 262 27.75 27.44 14.84
N GLU A 263 27.50 26.83 16.01
CA GLU A 263 28.43 25.88 16.69
C GLU A 263 27.97 24.45 16.43
N PRO A 264 28.86 23.55 15.97
CA PRO A 264 28.50 22.15 15.72
C PRO A 264 28.39 21.37 17.04
N GLN A 265 27.83 20.16 16.99
CA GLN A 265 27.62 19.29 18.17
C GLN A 265 28.08 17.86 17.83
N GLU A 266 28.40 17.07 18.86
CA GLU A 266 28.92 15.69 18.72
C GLU A 266 27.78 14.75 18.30
N PHE A 267 28.00 13.98 17.24
CA PHE A 267 27.16 12.81 16.85
C PHE A 267 27.92 11.53 17.26
N TRP A 268 27.30 10.69 18.08
CA TRP A 268 27.90 9.45 18.64
C TRP A 268 27.58 8.26 17.73
N VAL A 269 28.54 7.89 16.88
CA VAL A 269 28.45 6.75 15.91
C VAL A 269 28.36 5.44 16.72
N ASP A 270 29.15 5.33 17.79
CA ASP A 270 29.07 4.25 18.80
C ASP A 270 29.52 4.81 20.15
N GLN A 271 29.70 3.95 21.16
CA GLN A 271 30.08 4.34 22.56
C GLN A 271 31.49 4.94 22.60
N SER A 272 32.33 4.66 21.60
CA SER A 272 33.78 5.01 21.57
C SER A 272 34.11 6.03 20.47
N THR A 273 33.13 6.44 19.67
CA THR A 273 33.34 7.29 18.46
C THR A 273 32.31 8.43 18.42
N SER A 274 32.77 9.66 18.20
CA SER A 274 31.93 10.86 17.98
C SER A 274 32.53 11.71 16.85
N VAL A 275 31.68 12.37 16.07
CA VAL A 275 32.08 13.33 14.99
C VAL A 275 31.29 14.62 15.19
N SER A 276 31.97 15.76 15.24
CA SER A 276 31.34 17.11 15.32
C SER A 276 30.78 17.45 13.94
N VAL A 277 29.49 17.77 13.88
CA VAL A 277 28.75 18.02 12.59
C VAL A 277 27.87 19.26 12.76
N PRO A 278 27.61 20.02 11.67
CA PRO A 278 26.65 21.11 11.71
C PRO A 278 25.24 20.57 11.97
N MET A 279 24.48 21.23 12.86
CA MET A 279 23.14 20.79 13.33
C MET A 279 22.09 21.84 12.93
N LEU A 280 20.98 21.39 12.36
CA LEU A 280 19.74 22.20 12.15
C LEU A 280 18.93 22.15 13.45
N SER A 281 18.47 23.31 13.93
CA SER A 281 17.70 23.46 15.19
C SER A 281 16.40 24.24 14.92
N GLY A 282 15.27 23.70 15.36
CA GLY A 282 13.94 24.31 15.24
C GLY A 282 13.04 23.91 16.41
N MET A 283 12.20 24.84 16.86
CA MET A 283 11.25 24.64 18.00
C MET A 283 9.84 25.00 17.52
N GLY A 284 8.84 24.20 17.92
CA GLY A 284 7.43 24.40 17.55
C GLY A 284 6.57 23.20 17.89
N THR A 285 5.39 23.11 17.27
CA THR A 285 4.40 22.01 17.46
C THR A 285 4.59 20.99 16.34
N PHE A 286 5.20 19.83 16.66
CA PHE A 286 5.44 18.69 15.75
C PHE A 286 4.67 17.47 16.28
N GLN A 287 4.13 16.65 15.37
CA GLN A 287 3.45 15.37 15.72
C GLN A 287 4.51 14.40 16.24
N HIS A 288 4.24 13.73 17.36
CA HIS A 288 5.20 12.86 18.10
C HIS A 288 4.45 11.65 18.68
N TRP A 289 5.16 10.54 18.90
CA TRP A 289 4.66 9.36 19.65
C TRP A 289 5.83 8.50 20.14
N SER A 290 5.97 8.36 21.46
CA SER A 290 6.95 7.49 22.15
C SER A 290 6.29 6.13 22.45
N ASP A 291 6.61 5.11 21.64
CA ASP A 291 6.11 3.72 21.80
C ASP A 291 6.98 3.01 22.84
N ILE A 292 6.40 2.69 24.01
CA ILE A 292 7.13 2.15 25.20
C ILE A 292 7.37 0.65 25.03
N GLN A 293 6.41 -0.07 24.43
CA GLN A 293 6.47 -1.55 24.23
C GLN A 293 7.55 -1.90 23.20
N ASP A 294 7.45 -1.31 21.99
CA ASP A 294 8.37 -1.58 20.85
C ASP A 294 9.67 -0.78 21.02
N GLN A 295 9.63 0.30 21.82
CA GLN A 295 10.82 1.07 22.31
C GLN A 295 11.41 1.91 21.17
N PHE A 296 10.68 2.93 20.70
CA PHE A 296 11.16 3.95 19.75
C PHE A 296 10.22 5.17 19.77
N SER A 297 10.78 6.36 19.48
CA SER A 297 10.04 7.64 19.34
C SER A 297 9.99 8.04 17.87
N VAL A 298 8.82 8.42 17.37
CA VAL A 298 8.60 8.98 16.00
C VAL A 298 8.32 10.49 16.14
N THR A 299 8.87 11.29 15.23
CA THR A 299 8.67 12.77 15.15
C THR A 299 8.45 13.15 13.69
N GLN A 300 7.42 13.97 13.42
CA GLN A 300 7.10 14.47 12.05
C GLN A 300 7.42 15.96 11.98
N VAL A 301 8.47 16.31 11.23
CA VAL A 301 8.89 17.72 10.96
C VAL A 301 8.40 18.10 9.55
N PRO A 302 7.39 18.99 9.42
CA PRO A 302 6.86 19.35 8.11
C PRO A 302 7.80 20.21 7.26
N PHE A 303 7.88 19.91 5.96
CA PHE A 303 8.45 20.79 4.90
C PHE A 303 7.37 21.80 4.47
N THR A 304 6.17 21.27 4.24
CA THR A 304 4.98 22.01 3.72
C THR A 304 3.72 21.49 4.42
N GLU A 305 2.55 21.85 3.90
CA GLU A 305 1.20 21.43 4.39
C GLU A 305 1.12 19.90 4.45
N SER A 306 1.43 19.23 3.34
CA SER A 306 1.18 17.78 3.12
C SER A 306 2.47 16.95 3.21
N ALA A 307 3.64 17.55 2.90
CA ALA A 307 4.96 16.88 2.86
C ALA A 307 5.73 17.14 4.16
N SER A 308 6.34 16.08 4.71
CA SER A 308 7.05 16.11 6.02
C SER A 308 8.25 15.16 6.01
N LEU A 309 9.19 15.38 6.94
CA LEU A 309 10.32 14.46 7.26
C LEU A 309 9.93 13.68 8.52
N LEU A 310 9.87 12.35 8.44
CA LEU A 310 9.63 11.45 9.59
C LEU A 310 10.98 11.02 10.15
N LEU A 311 11.13 11.02 11.48
CA LEU A 311 12.40 10.71 12.20
C LEU A 311 12.11 9.66 13.27
N ILE A 312 12.60 8.43 13.06
CA ILE A 312 12.47 7.29 14.02
C ILE A 312 13.77 7.20 14.82
N GLN A 313 13.65 7.12 16.15
CA GLN A 313 14.79 7.21 17.11
C GLN A 313 14.65 6.07 18.13
N PRO A 314 15.55 5.05 18.11
CA PRO A 314 15.52 4.00 19.13
C PRO A 314 15.75 4.59 20.52
N HIS A 315 15.00 4.10 21.53
CA HIS A 315 15.12 4.52 22.94
C HIS A 315 16.50 4.13 23.49
N TYR A 316 17.08 3.04 22.96
CA TYR A 316 18.46 2.58 23.25
C TYR A 316 19.17 2.27 21.94
N ALA A 317 20.39 2.81 21.77
CA ALA A 317 21.11 2.95 20.47
C ALA A 317 21.43 1.59 19.83
N SER A 318 21.42 0.51 20.62
CA SER A 318 21.76 -0.88 20.16
C SER A 318 20.54 -1.53 19.46
N ASP A 319 19.35 -0.95 19.59
CA ASP A 319 18.06 -1.56 19.14
C ASP A 319 17.72 -1.14 17.69
N LEU A 320 18.59 -0.40 17.01
CA LEU A 320 18.28 0.24 15.69
C LEU A 320 17.77 -0.84 14.71
N ASP A 321 18.47 -1.97 14.59
CA ASP A 321 18.07 -3.12 13.73
C ASP A 321 16.68 -3.61 14.16
N LYS A 322 16.42 -3.70 15.47
CA LYS A 322 15.13 -4.14 16.05
C LYS A 322 14.04 -3.13 15.68
N VAL A 323 14.32 -1.82 15.82
CA VAL A 323 13.37 -0.71 15.53
C VAL A 323 13.03 -0.71 14.04
N GLU A 324 14.03 -0.87 13.17
CA GLU A 324 13.85 -1.00 11.70
C GLU A 324 12.94 -2.20 11.40
N GLY A 325 13.12 -3.30 12.14
CA GLY A 325 12.34 -4.54 12.04
C GLY A 325 10.86 -4.33 12.34
N LEU A 326 10.54 -3.35 13.20
CA LEU A 326 9.16 -3.09 13.72
C LEU A 326 8.52 -1.91 12.98
N THR A 327 9.23 -1.28 12.04
CA THR A 327 8.78 -0.09 11.29
C THR A 327 8.83 -0.37 9.77
N PHE A 328 9.96 -0.12 9.11
CA PHE A 328 10.11 -0.21 7.63
C PHE A 328 9.95 -1.67 7.18
N GLN A 329 10.44 -2.62 7.96
CA GLN A 329 10.53 -4.06 7.60
C GLN A 329 9.15 -4.72 7.65
N GLN A 330 8.19 -4.13 8.39
CA GLN A 330 6.78 -4.58 8.46
C GLN A 330 6.05 -4.26 7.15
N ASN A 331 6.58 -3.30 6.37
CA ASN A 331 6.05 -2.91 5.03
C ASN A 331 4.65 -2.30 5.23
N SER A 332 4.56 -1.29 6.10
CA SER A 332 3.30 -0.66 6.55
C SER A 332 3.60 0.74 7.11
N LEU A 333 2.57 1.57 7.30
CA LEU A 333 2.66 2.94 7.89
C LEU A 333 1.91 2.98 9.23
N ASN A 334 1.76 1.83 9.89
CA ASN A 334 1.03 1.71 11.18
C ASN A 334 1.83 2.38 12.31
N TRP A 335 3.14 2.56 12.12
CA TRP A 335 4.08 3.15 13.11
C TRP A 335 3.95 4.67 13.16
N MET A 336 3.19 5.28 12.24
CA MET A 336 2.89 6.75 12.25
C MET A 336 1.38 6.99 12.39
N LYS A 337 0.63 5.97 12.83
CA LYS A 337 -0.84 6.01 13.02
C LYS A 337 -1.17 6.72 14.35
N LYS A 338 -0.37 6.50 15.39
CA LYS A 338 -0.61 6.95 16.79
C LYS A 338 0.04 8.31 17.06
N LEU A 339 0.50 9.02 16.01
CA LEU A 339 1.15 10.35 16.15
C LEU A 339 0.16 11.34 16.76
N SER A 340 0.64 12.22 17.65
CA SER A 340 -0.14 13.23 18.41
C SER A 340 0.66 14.51 18.55
N PRO A 341 0.01 15.72 18.49
CA PRO A 341 0.75 16.98 18.60
C PRO A 341 1.54 17.09 19.91
N ARG A 342 2.64 17.86 19.89
CA ARG A 342 3.57 18.01 21.04
C ARG A 342 4.51 19.19 20.80
N THR A 343 4.86 19.92 21.87
CA THR A 343 5.84 21.04 21.85
C THR A 343 7.25 20.45 21.98
N ILE A 344 8.04 20.53 20.91
CA ILE A 344 9.38 19.86 20.80
C ILE A 344 10.43 20.87 20.33
N HIS A 345 11.66 20.73 20.84
CA HIS A 345 12.90 21.38 20.32
C HIS A 345 13.73 20.31 19.60
N LEU A 346 13.66 20.29 18.27
CA LEU A 346 14.31 19.27 17.39
C LEU A 346 15.69 19.79 16.97
N THR A 347 16.75 19.06 17.36
CA THR A 347 18.14 19.25 16.85
C THR A 347 18.56 17.98 16.10
N MET A 348 19.01 18.12 14.85
CA MET A 348 19.48 16.99 14.00
C MET A 348 20.53 17.49 13.01
N PRO A 349 21.36 16.59 12.43
CA PRO A 349 22.41 17.01 11.51
C PRO A 349 21.85 17.54 10.18
N GLN A 350 22.45 18.61 9.66
CA GLN A 350 22.28 19.09 8.27
C GLN A 350 22.83 18.01 7.33
N LEU A 351 21.96 17.16 6.78
CA LEU A 351 22.34 15.99 5.96
C LEU A 351 22.72 16.44 4.54
N VAL A 352 23.89 16.01 4.06
CA VAL A 352 24.36 16.14 2.65
C VAL A 352 24.89 14.77 2.21
N LEU A 353 23.99 13.85 1.86
CA LEU A 353 24.30 12.43 1.57
C LEU A 353 24.32 12.22 0.05
N GLN A 354 25.44 11.71 -0.49
CA GLN A 354 25.59 11.30 -1.91
C GLN A 354 26.06 9.83 -1.93
N GLY A 355 25.16 8.92 -2.31
CA GLY A 355 25.43 7.47 -2.38
C GLY A 355 24.70 6.83 -3.54
N SER A 356 25.01 5.56 -3.82
CA SER A 356 24.39 4.76 -4.90
C SER A 356 24.53 3.26 -4.60
N TYR A 357 23.65 2.46 -5.21
CA TYR A 357 23.67 0.98 -5.22
C TYR A 357 23.19 0.51 -6.59
N ASP A 358 23.58 -0.71 -6.99
CA ASP A 358 23.15 -1.36 -8.25
C ASP A 358 21.87 -2.15 -7.96
N LEU A 359 20.73 -1.74 -8.54
CA LEU A 359 19.42 -2.40 -8.35
C LEU A 359 19.47 -3.81 -8.97
N GLN A 360 20.11 -3.95 -10.14
CA GLN A 360 20.27 -5.24 -10.85
C GLN A 360 20.92 -6.26 -9.91
N ASP A 361 22.03 -5.87 -9.26
CA ASP A 361 22.84 -6.76 -8.38
C ASP A 361 22.03 -7.11 -7.13
N LEU A 362 21.34 -6.13 -6.53
CA LEU A 362 20.48 -6.31 -5.35
C LEU A 362 19.41 -7.37 -5.64
N LEU A 363 18.69 -7.23 -6.76
CA LEU A 363 17.59 -8.15 -7.19
C LEU A 363 18.16 -9.54 -7.46
N ALA A 364 19.35 -9.63 -8.07
CA ALA A 364 20.02 -10.89 -8.46
C ALA A 364 20.44 -11.69 -7.21
N GLN A 365 20.73 -11.02 -6.10
CA GLN A 365 21.23 -11.65 -4.84
C GLN A 365 20.09 -11.84 -3.83
N ALA A 366 18.93 -11.25 -4.09
CA ALA A 366 17.72 -11.35 -3.22
C ALA A 366 16.97 -12.66 -3.53
N GLU A 367 15.97 -12.97 -2.71
CA GLU A 367 15.11 -14.18 -2.85
C GLU A 367 14.04 -13.90 -3.92
N LEU A 368 14.44 -13.89 -5.20
CA LEU A 368 13.57 -13.60 -6.36
C LEU A 368 13.94 -14.51 -7.52
N PRO A 369 13.01 -14.77 -8.48
CA PRO A 369 13.38 -15.31 -9.79
C PRO A 369 14.09 -14.23 -10.62
N ALA A 370 14.81 -14.65 -11.67
CA ALA A 370 15.61 -13.78 -12.55
C ALA A 370 14.69 -12.88 -13.37
N ILE A 371 15.00 -11.57 -13.42
CA ILE A 371 14.28 -10.55 -14.23
C ILE A 371 15.22 -9.98 -15.29
N LEU A 372 16.39 -9.48 -14.87
CA LEU A 372 17.36 -8.76 -15.75
C LEU A 372 18.58 -9.66 -16.05
N HIS A 373 18.35 -10.96 -16.23
CA HIS A 373 19.39 -11.98 -16.59
C HIS A 373 19.72 -11.89 -18.09
N THR A 374 20.61 -12.77 -18.57
CA THR A 374 21.11 -12.80 -19.97
C THR A 374 19.96 -13.10 -20.95
N GLU A 375 18.97 -13.88 -20.51
CA GLU A 375 17.85 -14.39 -21.37
C GLU A 375 16.66 -13.43 -21.34
N LEU A 376 16.87 -12.17 -20.94
CA LEU A 376 15.80 -11.15 -20.80
C LEU A 376 15.33 -10.70 -22.19
N ASN A 377 14.12 -10.12 -22.26
CA ASN A 377 13.49 -9.60 -23.49
C ASN A 377 13.12 -8.12 -23.27
N LEU A 378 13.96 -7.21 -23.76
CA LEU A 378 13.68 -5.74 -23.80
C LEU A 378 13.70 -5.29 -25.27
N GLN A 379 12.97 -6.00 -26.13
CA GLN A 379 13.00 -5.81 -27.62
C GLN A 379 12.31 -4.49 -28.02
N LYS A 380 11.49 -3.90 -27.14
CA LYS A 380 10.87 -2.57 -27.39
C LYS A 380 11.87 -1.46 -27.01
N LEU A 381 12.95 -1.80 -26.31
CA LEU A 381 14.10 -0.88 -26.06
C LEU A 381 15.01 -0.89 -27.30
N SER A 382 15.39 -2.08 -27.78
CA SER A 382 16.24 -2.28 -28.97
C SER A 382 16.03 -3.68 -29.56
N ASN A 383 16.18 -3.82 -30.88
CA ASN A 383 16.16 -5.12 -31.60
C ASN A 383 17.51 -5.83 -31.42
N ASP A 384 18.56 -5.07 -31.09
CA ASP A 384 19.95 -5.59 -30.92
C ASP A 384 20.10 -6.25 -29.56
N ARG A 385 21.20 -7.00 -29.37
CA ARG A 385 21.52 -7.79 -28.16
C ARG A 385 21.69 -6.83 -26.98
N ILE A 386 20.86 -6.99 -25.94
CA ILE A 386 20.93 -6.23 -24.66
C ILE A 386 21.48 -7.16 -23.58
N ARG A 387 22.62 -6.77 -22.98
CA ARG A 387 23.21 -7.39 -21.77
C ARG A 387 23.41 -6.28 -20.74
N VAL A 388 22.63 -6.29 -19.64
CA VAL A 388 22.58 -5.19 -18.64
C VAL A 388 23.81 -5.28 -17.75
N GLY A 389 24.69 -4.27 -17.83
CA GLY A 389 25.91 -4.16 -16.99
C GLY A 389 25.60 -3.69 -15.58
N GLU A 390 24.73 -2.68 -15.45
CA GLU A 390 24.22 -2.18 -14.14
C GLU A 390 22.88 -1.47 -14.35
N VAL A 391 22.06 -1.44 -13.31
CA VAL A 391 20.86 -0.55 -13.18
C VAL A 391 21.07 0.30 -11.92
N LEU A 392 21.78 1.41 -12.06
CA LEU A 392 22.27 2.24 -10.94
C LEU A 392 21.16 3.15 -10.42
N ASN A 393 20.97 3.20 -9.11
CA ASN A 393 20.10 4.17 -8.41
C ASN A 393 20.99 5.01 -7.49
N SER A 394 21.21 6.28 -7.86
CA SER A 394 22.11 7.25 -7.19
C SER A 394 21.28 8.41 -6.65
N ILE A 395 21.40 8.70 -5.35
CA ILE A 395 20.59 9.74 -4.65
C ILE A 395 21.53 10.79 -4.01
N PHE A 396 21.25 12.06 -4.28
CA PHE A 396 21.85 13.25 -3.62
C PHE A 396 20.78 13.88 -2.73
N PHE A 397 20.87 13.65 -1.41
CA PHE A 397 19.84 14.03 -0.41
C PHE A 397 20.36 15.18 0.47
N GLU A 398 19.63 16.31 0.48
CA GLU A 398 19.99 17.54 1.25
C GLU A 398 18.82 17.98 2.12
N LEU A 399 19.06 18.09 3.44
CA LEU A 399 18.20 18.85 4.39
C LEU A 399 18.84 20.22 4.64
N GLU A 400 18.04 21.29 4.60
CA GLU A 400 18.51 22.69 4.72
C GLU A 400 17.62 23.47 5.70
N ALA A 401 18.05 24.68 6.06
CA ALA A 401 17.36 25.60 6.99
C ALA A 401 16.37 26.48 6.21
N ASP A 402 15.63 27.34 6.93
CA ASP A 402 14.76 28.41 6.35
C ASP A 402 15.59 29.69 6.20
N VAL A 418 9.67 21.88 27.89
CA VAL A 418 9.69 21.49 26.46
C VAL A 418 10.43 20.16 26.30
N LEU A 419 9.95 19.27 25.43
CA LEU A 419 10.59 17.97 25.11
C LEU A 419 11.72 18.20 24.10
N GLU A 420 12.95 17.83 24.45
CA GLU A 420 14.14 17.94 23.57
C GLU A 420 14.33 16.60 22.83
N VAL A 421 14.11 16.62 21.51
CA VAL A 421 14.46 15.51 20.59
C VAL A 421 15.79 15.87 19.92
N THR A 422 16.86 15.14 20.27
CA THR A 422 18.25 15.37 19.77
C THR A 422 18.72 14.13 19.01
N LEU A 423 18.88 14.24 17.69
CA LEU A 423 19.42 13.16 16.82
C LEU A 423 20.95 13.28 16.80
N ASN A 424 21.59 12.88 17.90
CA ASN A 424 23.06 12.82 18.07
C ASN A 424 23.50 11.35 18.19
N ARG A 425 22.61 10.42 17.82
CA ARG A 425 22.90 8.96 17.73
C ARG A 425 22.17 8.41 16.51
N PRO A 426 22.55 7.22 15.98
CA PRO A 426 21.97 6.71 14.74
C PRO A 426 20.43 6.71 14.74
N PHE A 427 19.82 7.03 13.59
CA PHE A 427 18.36 7.18 13.42
C PHE A 427 17.93 6.73 12.01
N LEU A 428 16.64 6.46 11.85
CA LEU A 428 15.98 6.27 10.53
C LEU A 428 15.23 7.55 10.17
N PHE A 429 15.03 7.79 8.87
CA PHE A 429 14.19 8.91 8.38
C PHE A 429 13.40 8.46 7.14
N ALA A 430 12.37 9.22 6.80
CA ALA A 430 11.54 9.05 5.59
C ALA A 430 10.97 10.43 5.19
N VAL A 431 10.79 10.65 3.90
CA VAL A 431 10.07 11.83 3.33
C VAL A 431 8.72 11.33 2.81
N TYR A 432 7.62 11.83 3.39
CA TYR A 432 6.23 11.40 3.09
C TYR A 432 5.40 12.60 2.62
N ASP A 433 4.63 12.43 1.53
CA ASP A 433 3.65 13.41 1.02
C ASP A 433 2.24 12.82 1.15
N GLN A 434 1.41 13.43 2.01
CA GLN A 434 0.00 13.02 2.28
C GLN A 434 -0.84 13.05 0.99
N SER A 435 -0.66 14.09 0.17
CA SER A 435 -1.52 14.41 -1.00
C SER A 435 -1.46 13.28 -2.05
N ALA A 436 -0.36 12.53 -2.11
CA ALA A 436 -0.16 11.39 -3.05
C ALA A 436 0.13 10.09 -2.28
N THR A 437 -0.07 10.08 -0.95
CA THR A 437 0.22 8.93 -0.05
C THR A 437 1.52 8.25 -0.52
N ALA A 438 2.61 9.02 -0.61
CA ALA A 438 3.85 8.65 -1.32
C ALA A 438 5.07 8.86 -0.40
N LEU A 439 5.81 7.79 -0.13
CA LEU A 439 7.17 7.84 0.45
C LEU A 439 8.16 8.12 -0.70
N HIS A 440 8.80 9.30 -0.68
CA HIS A 440 9.79 9.73 -1.70
C HIS A 440 11.17 9.17 -1.35
N PHE A 441 11.47 9.04 -0.05
CA PHE A 441 12.79 8.57 0.47
C PHE A 441 12.59 7.76 1.75
N LEU A 442 13.38 6.69 1.88
CA LEU A 442 13.63 5.94 3.14
C LEU A 442 15.13 6.01 3.42
N GLY A 443 15.52 6.18 4.69
CA GLY A 443 16.92 6.42 5.07
C GLY A 443 17.28 5.81 6.42
N ARG A 444 18.53 5.38 6.56
CA ARG A 444 19.16 4.97 7.84
C ARG A 444 20.51 5.68 7.94
N VAL A 445 20.69 6.50 8.98
CA VAL A 445 21.93 7.29 9.22
C VAL A 445 22.64 6.71 10.45
N ALA A 446 23.73 5.96 10.22
CA ALA A 446 24.67 5.47 11.26
C ALA A 446 25.76 6.54 11.48
N ASN A 447 26.12 7.26 10.41
CA ASN A 447 27.20 8.29 10.40
C ASN A 447 26.78 9.41 9.45
N PRO A 448 26.56 10.64 9.95
CA PRO A 448 26.06 11.74 9.10
C PRO A 448 27.09 12.38 8.16
N LEU A 449 28.37 12.01 8.25
CA LEU A 449 29.47 12.59 7.42
C LEU A 449 29.29 12.20 5.94
N SER A 450 29.57 13.13 5.04
CA SER A 450 29.71 12.89 3.58
C SER A 450 30.98 12.06 3.33
N THR A 451 30.91 11.10 2.42
CA THR A 451 32.06 10.22 2.05
C THR A 451 31.78 9.57 0.68
N ALA A 452 32.83 9.39 -0.12
CA ALA A 452 32.79 8.76 -1.47
C ALA A 452 32.46 7.27 -1.35
N HIS A 453 32.62 6.68 -0.15
CA HIS A 453 32.44 5.24 0.14
C HIS A 453 30.96 4.89 0.29
N HIS A 454 30.06 5.87 0.16
CA HIS A 454 28.59 5.67 -0.05
C HIS A 454 28.34 5.19 -1.48
N HIS A 455 29.33 5.32 -2.37
CA HIS A 455 29.31 4.82 -3.77
C HIS A 455 30.11 3.51 -3.90
N HIS A 456 30.36 2.80 -2.80
CA HIS A 456 31.01 1.46 -2.80
C HIS A 456 29.96 0.38 -3.10
N HIS A 457 30.29 -0.54 -4.01
CA HIS A 457 29.42 -1.67 -4.45
C HIS A 457 30.09 -3.00 -4.07
N HIS A 458 29.33 -3.91 -3.46
CA HIS A 458 29.80 -5.25 -3.01
C HIS A 458 30.13 -6.13 -4.21
N LEU B 3 -30.52 -34.19 17.19
CA LEU B 3 -29.27 -34.98 17.39
C LEU B 3 -28.09 -34.01 17.56
N GLY B 4 -27.91 -33.08 16.61
CA GLY B 4 -26.89 -32.01 16.66
C GLY B 4 -27.28 -30.93 17.65
N ASN B 5 -26.41 -30.66 18.64
CA ASN B 5 -26.69 -29.73 19.77
C ASN B 5 -25.52 -28.75 19.99
N THR B 6 -24.54 -28.71 19.08
CA THR B 6 -23.27 -27.96 19.28
C THR B 6 -23.35 -26.57 18.61
N THR B 7 -22.93 -25.54 19.34
CA THR B 7 -22.56 -24.20 18.81
C THR B 7 -21.04 -24.05 18.95
N SER B 8 -20.43 -23.18 18.15
CA SER B 8 -18.97 -22.88 18.15
C SER B 8 -18.77 -21.38 18.01
N SER B 9 -17.90 -20.79 18.85
CA SER B 9 -17.59 -19.34 18.87
C SER B 9 -16.15 -19.11 18.38
N VAL B 10 -15.99 -18.33 17.30
CA VAL B 10 -14.70 -17.82 16.76
C VAL B 10 -14.54 -16.37 17.21
N ILE B 11 -13.46 -16.07 17.94
CA ILE B 11 -13.12 -14.68 18.38
C ILE B 11 -12.39 -13.99 17.23
N LEU B 12 -12.79 -12.76 16.91
CA LEU B 12 -12.25 -11.94 15.79
C LEU B 12 -11.39 -10.81 16.36
N THR B 13 -10.33 -10.45 15.65
CA THR B 13 -9.50 -9.23 15.89
C THR B 13 -10.07 -8.09 15.06
N ASN B 14 -10.33 -6.94 15.69
CA ASN B 14 -10.80 -5.70 15.02
C ASN B 14 -9.56 -4.84 14.71
N TYR B 15 -9.27 -4.66 13.42
CA TYR B 15 -8.21 -3.76 12.91
C TYR B 15 -8.85 -2.52 12.29
N MET B 16 -8.77 -1.38 12.99
CA MET B 16 -9.11 -0.02 12.49
C MET B 16 -10.60 0.08 12.11
N ASP B 17 -11.45 -0.78 12.69
CA ASP B 17 -12.92 -0.83 12.43
C ASP B 17 -13.20 -1.18 10.95
N THR B 18 -12.23 -1.77 10.24
CA THR B 18 -12.32 -2.07 8.77
C THR B 18 -12.07 -3.55 8.47
N GLN B 19 -11.26 -4.24 9.28
CA GLN B 19 -10.92 -5.68 9.05
C GLN B 19 -11.16 -6.48 10.33
N TYR B 20 -12.27 -7.23 10.37
CA TYR B 20 -12.62 -8.19 11.45
C TYR B 20 -12.27 -9.60 10.97
N TYR B 21 -11.17 -10.16 11.47
CA TYR B 21 -10.61 -11.46 11.00
C TYR B 21 -10.42 -12.41 12.19
N GLY B 22 -10.63 -13.70 11.93
CA GLY B 22 -10.35 -14.82 12.85
C GLY B 22 -9.35 -15.78 12.24
N GLU B 23 -9.13 -16.93 12.89
CA GLU B 23 -8.18 -17.96 12.46
C GLU B 23 -8.95 -19.18 11.93
N ILE B 24 -8.42 -19.82 10.88
CA ILE B 24 -8.84 -21.18 10.43
C ILE B 24 -7.58 -22.04 10.28
N GLY B 25 -7.70 -23.34 10.53
CA GLY B 25 -6.66 -24.34 10.21
C GLY B 25 -6.95 -24.99 8.88
N ILE B 26 -5.93 -25.18 8.03
CA ILE B 26 -6.01 -26.02 6.80
C ILE B 26 -4.92 -27.08 6.88
N GLY B 27 -5.28 -28.35 6.64
CA GLY B 27 -4.34 -29.47 6.49
C GLY B 27 -4.18 -30.26 7.78
N THR B 28 -3.43 -31.36 7.70
CA THR B 28 -3.03 -32.24 8.83
C THR B 28 -1.51 -32.33 8.85
N PRO B 29 -0.80 -31.70 9.82
CA PRO B 29 -1.42 -30.90 10.86
C PRO B 29 -1.91 -29.54 10.35
N PRO B 30 -2.73 -28.79 11.12
CA PRO B 30 -3.31 -27.53 10.64
C PRO B 30 -2.26 -26.44 10.40
N GLN B 31 -2.33 -25.80 9.23
CA GLN B 31 -1.64 -24.52 8.90
C GLN B 31 -2.64 -23.39 9.14
N THR B 32 -2.31 -22.44 10.03
CA THR B 32 -3.24 -21.37 10.51
C THR B 32 -3.15 -20.16 9.57
N PHE B 33 -4.31 -19.58 9.23
CA PHE B 33 -4.44 -18.37 8.38
C PHE B 33 -5.39 -17.38 9.05
N LYS B 34 -5.07 -16.09 8.97
CA LYS B 34 -5.99 -14.99 9.34
C LYS B 34 -6.97 -14.80 8.17
N VAL B 35 -8.27 -14.92 8.41
CA VAL B 35 -9.30 -14.84 7.34
C VAL B 35 -10.43 -13.90 7.78
N VAL B 36 -10.95 -13.12 6.84
CA VAL B 36 -12.23 -12.36 6.94
C VAL B 36 -13.36 -13.30 6.52
N PHE B 37 -14.45 -13.33 7.29
CA PHE B 37 -15.67 -14.13 7.03
C PHE B 37 -16.71 -13.22 6.38
N ASP B 38 -16.94 -13.39 5.07
CA ASP B 38 -17.78 -12.49 4.23
C ASP B 38 -19.06 -13.22 3.80
N THR B 39 -20.22 -12.67 4.19
CA THR B 39 -21.56 -13.15 3.76
C THR B 39 -21.86 -12.64 2.34
N GLY B 40 -21.06 -11.68 1.84
CA GLY B 40 -21.19 -11.12 0.49
C GLY B 40 -20.59 -11.99 -0.59
N SER B 41 -19.89 -13.07 -0.23
CA SER B 41 -19.22 -14.01 -1.17
C SER B 41 -19.23 -15.43 -0.60
N SER B 42 -18.87 -16.43 -1.42
CA SER B 42 -19.10 -17.88 -1.15
C SER B 42 -17.83 -18.73 -1.35
N ASN B 43 -16.70 -18.13 -1.74
CA ASN B 43 -15.43 -18.86 -2.01
C ASN B 43 -14.53 -18.80 -0.77
N VAL B 44 -13.80 -19.89 -0.50
CA VAL B 44 -12.65 -19.93 0.45
C VAL B 44 -11.37 -19.84 -0.38
N TRP B 45 -10.45 -18.96 -0.01
CA TRP B 45 -9.13 -18.84 -0.66
C TRP B 45 -8.09 -18.33 0.34
N VAL B 46 -6.86 -18.85 0.23
CA VAL B 46 -5.65 -18.41 0.99
C VAL B 46 -4.48 -18.35 0.02
N PRO B 47 -3.42 -17.57 0.31
CA PRO B 47 -2.21 -17.57 -0.52
C PRO B 47 -1.54 -18.94 -0.55
N SER B 48 -0.95 -19.29 -1.70
CA SER B 48 -0.29 -20.60 -1.97
C SER B 48 1.23 -20.48 -1.83
N SER B 49 1.90 -21.56 -1.41
CA SER B 49 3.38 -21.72 -1.44
C SER B 49 3.87 -21.62 -2.89
N LYS B 50 3.03 -21.98 -3.86
CA LYS B 50 3.34 -21.96 -5.32
C LYS B 50 3.20 -20.55 -5.89
N CYS B 51 2.77 -19.56 -5.08
CA CYS B 51 2.72 -18.13 -5.47
C CYS B 51 4.14 -17.60 -5.62
N SER B 52 4.47 -17.06 -6.81
CA SER B 52 5.79 -16.49 -7.15
C SER B 52 6.19 -15.43 -6.12
N ARG B 53 7.48 -15.36 -5.79
CA ARG B 53 8.06 -14.40 -4.81
C ARG B 53 7.99 -12.98 -5.39
N LEU B 54 7.76 -12.84 -6.71
CA LEU B 54 7.57 -11.52 -7.38
C LEU B 54 6.40 -10.78 -6.74
N TYR B 55 5.32 -11.48 -6.39
CA TYR B 55 4.10 -10.91 -5.76
C TYR B 55 4.41 -10.58 -4.29
N THR B 56 4.68 -9.29 -4.03
CA THR B 56 4.94 -8.72 -2.67
C THR B 56 3.85 -9.18 -1.70
N ALA B 57 2.58 -9.16 -2.13
CA ALA B 57 1.38 -9.47 -1.33
C ALA B 57 1.43 -10.92 -0.80
N CYS B 58 2.00 -11.86 -1.57
CA CYS B 58 2.20 -13.27 -1.16
C CYS B 58 3.31 -13.36 -0.11
N VAL B 59 4.42 -12.65 -0.32
CA VAL B 59 5.63 -12.70 0.54
C VAL B 59 5.31 -12.21 1.96
N TYR B 60 4.36 -11.28 2.11
CA TYR B 60 4.03 -10.62 3.41
C TYR B 60 2.72 -11.19 3.99
N HIS B 61 2.33 -12.40 3.57
CA HIS B 61 1.20 -13.17 4.15
C HIS B 61 1.60 -14.64 4.30
N LYS B 62 0.85 -15.41 5.09
CA LYS B 62 1.07 -16.87 5.29
C LYS B 62 0.70 -17.62 4.01
N LEU B 63 1.52 -18.58 3.60
CA LEU B 63 1.32 -19.40 2.37
C LEU B 63 0.93 -20.83 2.78
N PHE B 64 0.00 -21.44 2.03
CA PHE B 64 -0.42 -22.85 2.23
C PHE B 64 0.52 -23.79 1.46
N ASP B 65 1.21 -24.67 2.20
CA ASP B 65 2.11 -25.72 1.64
C ASP B 65 1.34 -27.04 1.65
N ALA B 66 0.85 -27.47 0.48
CA ALA B 66 0.05 -28.70 0.27
C ALA B 66 0.87 -29.93 0.67
N SER B 67 2.18 -29.91 0.42
CA SER B 67 3.11 -31.05 0.64
C SER B 67 3.23 -31.39 2.14
N ASP B 68 3.03 -30.40 3.03
CA ASP B 68 3.13 -30.56 4.50
C ASP B 68 1.80 -31.06 5.08
N SER B 69 0.76 -31.28 4.25
CA SER B 69 -0.57 -31.80 4.66
C SER B 69 -0.75 -33.24 4.16
N SER B 70 -0.97 -34.18 5.08
CA SER B 70 -1.19 -35.63 4.79
C SER B 70 -2.64 -35.87 4.34
N SER B 71 -3.53 -34.89 4.50
CA SER B 71 -4.97 -34.95 4.13
C SER B 71 -5.23 -34.16 2.84
N TYR B 72 -4.23 -33.47 2.30
CA TYR B 72 -4.33 -32.68 1.04
C TYR B 72 -4.67 -33.61 -0.13
N LYS B 73 -5.69 -33.25 -0.91
CA LYS B 73 -6.10 -33.97 -2.15
C LYS B 73 -6.08 -32.97 -3.31
N HIS B 74 -5.32 -33.28 -4.36
CA HIS B 74 -5.09 -32.41 -5.55
C HIS B 74 -6.40 -32.21 -6.33
N ASN B 75 -6.57 -31.05 -6.97
CA ASN B 75 -7.63 -30.77 -7.97
C ASN B 75 -7.01 -30.00 -9.13
N GLY B 76 -6.57 -28.76 -8.89
CA GLY B 76 -5.74 -27.96 -9.83
C GLY B 76 -6.56 -27.17 -10.84
N THR B 77 -7.90 -27.23 -10.77
CA THR B 77 -8.84 -26.46 -11.64
C THR B 77 -8.61 -24.97 -11.43
N GLU B 78 -8.36 -24.20 -12.51
CA GLU B 78 -8.07 -22.75 -12.45
C GLU B 78 -9.26 -22.02 -11.81
N LEU B 79 -8.98 -20.97 -11.04
CA LEU B 79 -9.97 -20.14 -10.30
C LEU B 79 -9.52 -18.68 -10.35
N THR B 80 -10.38 -17.79 -10.87
CA THR B 80 -10.15 -16.32 -10.94
C THR B 80 -11.28 -15.61 -10.20
N LEU B 81 -10.94 -14.86 -9.14
CA LEU B 81 -11.90 -14.08 -8.31
C LEU B 81 -11.70 -12.59 -8.62
N ARG B 82 -12.66 -11.98 -9.32
CA ARG B 82 -12.59 -10.57 -9.81
C ARG B 82 -13.30 -9.66 -8.80
N TYR B 83 -12.57 -8.68 -8.25
CA TYR B 83 -13.10 -7.61 -7.35
C TYR B 83 -13.12 -6.29 -8.14
N SER B 84 -13.53 -5.20 -7.49
CA SER B 84 -13.76 -3.86 -8.13
C SER B 84 -12.48 -3.38 -8.84
N THR B 85 -11.37 -3.29 -8.11
CA THR B 85 -10.08 -2.72 -8.59
C THR B 85 -9.17 -3.85 -9.11
N GLY B 86 -8.90 -4.86 -8.27
CA GLY B 86 -7.93 -5.93 -8.52
C GLY B 86 -8.56 -7.30 -8.61
N THR B 87 -7.78 -8.30 -9.01
CA THR B 87 -8.19 -9.71 -9.23
C THR B 87 -7.15 -10.63 -8.57
N VAL B 88 -7.58 -11.63 -7.81
CA VAL B 88 -6.72 -12.75 -7.33
C VAL B 88 -7.10 -14.00 -8.14
N SER B 89 -6.10 -14.82 -8.50
CA SER B 89 -6.29 -16.07 -9.28
C SER B 89 -5.36 -17.17 -8.73
N GLY B 90 -5.70 -18.42 -9.01
CA GLY B 90 -4.97 -19.60 -8.54
C GLY B 90 -5.61 -20.88 -9.02
N PHE B 91 -5.71 -21.89 -8.16
CA PHE B 91 -6.27 -23.23 -8.49
C PHE B 91 -6.94 -23.83 -7.25
N LEU B 92 -7.94 -24.69 -7.48
CA LEU B 92 -8.71 -25.37 -6.40
C LEU B 92 -7.86 -26.50 -5.81
N SER B 93 -7.91 -26.64 -4.49
CA SER B 93 -7.35 -27.78 -3.71
C SER B 93 -8.38 -28.20 -2.66
N GLN B 94 -8.38 -29.48 -2.29
CA GLN B 94 -9.27 -30.03 -1.22
C GLN B 94 -8.41 -30.41 -0.02
N ASP B 95 -8.86 -30.05 1.18
CA ASP B 95 -8.19 -30.41 2.46
C ASP B 95 -9.18 -30.21 3.60
N ILE B 96 -8.86 -30.76 4.78
CA ILE B 96 -9.64 -30.59 6.03
C ILE B 96 -9.39 -29.17 6.56
N ILE B 97 -10.44 -28.35 6.65
CA ILE B 97 -10.37 -26.99 7.26
C ILE B 97 -11.00 -27.06 8.65
N THR B 98 -10.28 -26.55 9.65
CA THR B 98 -10.75 -26.36 11.05
C THR B 98 -11.22 -24.91 11.19
N VAL B 99 -12.55 -24.70 11.19
CA VAL B 99 -13.19 -23.37 11.46
C VAL B 99 -14.01 -23.52 12.75
N GLY B 100 -13.77 -22.65 13.74
CA GLY B 100 -14.19 -22.88 15.12
C GLY B 100 -13.54 -24.15 15.64
N GLY B 101 -14.31 -25.04 16.28
CA GLY B 101 -13.85 -26.38 16.70
C GLY B 101 -14.36 -27.46 15.77
N ILE B 102 -14.86 -27.07 14.58
CA ILE B 102 -15.51 -27.98 13.60
C ILE B 102 -14.51 -28.22 12.45
N THR B 103 -14.21 -29.50 12.20
CA THR B 103 -13.35 -29.98 11.08
C THR B 103 -14.27 -30.39 9.91
N VAL B 104 -13.99 -29.90 8.71
CA VAL B 104 -14.83 -30.12 7.49
C VAL B 104 -13.91 -30.20 6.26
N THR B 105 -14.11 -31.22 5.43
CA THR B 105 -13.42 -31.39 4.12
C THR B 105 -13.97 -30.35 3.15
N GLN B 106 -13.11 -29.46 2.64
CA GLN B 106 -13.53 -28.24 1.90
C GLN B 106 -12.65 -28.04 0.67
N MET B 107 -13.27 -27.67 -0.45
CA MET B 107 -12.61 -27.15 -1.67
C MET B 107 -12.36 -25.65 -1.48
N PHE B 108 -11.11 -25.21 -1.68
CA PHE B 108 -10.68 -23.80 -1.52
C PHE B 108 -9.66 -23.46 -2.60
N GLY B 109 -9.47 -22.16 -2.85
CA GLY B 109 -8.46 -21.65 -3.80
C GLY B 109 -7.10 -21.48 -3.15
N GLU B 110 -6.09 -22.13 -3.73
CA GLU B 110 -4.65 -21.79 -3.53
C GLU B 110 -4.33 -20.62 -4.49
N VAL B 111 -4.18 -19.41 -3.97
CA VAL B 111 -3.95 -18.18 -4.78
C VAL B 111 -2.46 -18.08 -5.11
N THR B 112 -2.13 -17.98 -6.40
CA THR B 112 -0.74 -17.91 -6.95
C THR B 112 -0.47 -16.52 -7.55
N GLU B 113 -1.49 -15.66 -7.66
CA GLU B 113 -1.36 -14.27 -8.19
C GLU B 113 -2.18 -13.32 -7.31
N MET B 114 -1.50 -12.38 -6.65
CA MET B 114 -2.11 -11.37 -5.74
C MET B 114 -1.58 -9.98 -6.09
N PRO B 115 -2.45 -9.01 -6.45
CA PRO B 115 -2.00 -7.64 -6.67
C PRO B 115 -1.69 -6.95 -5.34
N ALA B 116 -0.62 -6.14 -5.30
CA ALA B 116 -0.17 -5.39 -4.12
C ALA B 116 -1.34 -4.56 -3.55
N LEU B 117 -2.14 -3.96 -4.44
CA LEU B 117 -3.32 -3.14 -4.09
C LEU B 117 -4.57 -3.95 -4.42
N PRO B 118 -5.51 -4.19 -3.45
CA PRO B 118 -5.44 -3.62 -2.10
C PRO B 118 -4.82 -4.50 -0.99
N PHE B 119 -4.27 -5.66 -1.34
CA PHE B 119 -4.02 -6.79 -0.40
C PHE B 119 -2.80 -6.53 0.50
N MET B 120 -1.92 -5.59 0.14
CA MET B 120 -0.77 -5.20 1.02
C MET B 120 -1.28 -4.33 2.18
N LEU B 121 -2.54 -3.89 2.14
CA LEU B 121 -3.22 -3.16 3.25
C LEU B 121 -4.07 -4.13 4.09
N ALA B 122 -4.09 -5.42 3.72
CA ALA B 122 -4.86 -6.49 4.39
C ALA B 122 -4.03 -7.10 5.52
N GLU B 123 -4.55 -7.06 6.76
CA GLU B 123 -3.99 -7.77 7.94
C GLU B 123 -4.33 -9.27 7.82
N PHE B 124 -5.45 -9.59 7.19
CA PHE B 124 -5.90 -10.99 6.91
C PHE B 124 -5.07 -11.57 5.76
N ASP B 125 -4.98 -12.90 5.71
CA ASP B 125 -4.26 -13.66 4.66
C ASP B 125 -5.24 -14.07 3.56
N GLY B 126 -6.43 -14.55 3.94
CA GLY B 126 -7.42 -15.14 3.02
C GLY B 126 -8.85 -14.73 3.37
N VAL B 127 -9.81 -15.26 2.62
CA VAL B 127 -11.27 -14.98 2.76
C VAL B 127 -12.02 -16.31 2.91
N VAL B 128 -12.98 -16.36 3.83
CA VAL B 128 -13.95 -17.49 3.99
C VAL B 128 -15.34 -16.95 3.58
N GLY B 129 -15.80 -17.33 2.38
CA GLY B 129 -17.14 -16.99 1.87
C GLY B 129 -18.21 -17.68 2.69
N MET B 130 -19.14 -16.90 3.26
CA MET B 130 -20.27 -17.41 4.09
C MET B 130 -21.58 -17.27 3.31
N GLY B 131 -21.50 -17.07 1.99
CA GLY B 131 -22.66 -16.94 1.08
C GLY B 131 -23.14 -18.29 0.58
N PHE B 132 -23.93 -18.26 -0.51
CA PHE B 132 -24.61 -19.44 -1.12
C PHE B 132 -23.80 -19.94 -2.33
N ILE B 133 -23.94 -21.23 -2.66
CA ILE B 133 -23.25 -21.90 -3.81
C ILE B 133 -23.56 -21.18 -5.11
N GLU B 134 -24.73 -20.53 -5.21
CA GLU B 134 -25.15 -19.73 -6.39
C GLU B 134 -24.13 -18.61 -6.68
N GLN B 135 -23.47 -18.07 -5.65
CA GLN B 135 -22.47 -16.97 -5.77
C GLN B 135 -21.05 -17.51 -5.95
N ALA B 136 -20.80 -18.79 -5.64
CA ALA B 136 -19.46 -19.41 -5.59
C ALA B 136 -18.90 -19.54 -7.02
N ILE B 137 -17.74 -18.95 -7.27
CA ILE B 137 -17.01 -19.03 -8.58
C ILE B 137 -16.49 -20.47 -8.74
N GLY B 138 -16.75 -21.09 -9.90
CA GLY B 138 -16.46 -22.51 -10.17
C GLY B 138 -17.48 -23.42 -9.51
N ARG B 139 -18.65 -22.89 -9.13
CA ARG B 139 -19.78 -23.61 -8.49
C ARG B 139 -19.23 -24.56 -7.40
N VAL B 140 -18.29 -24.07 -6.58
CA VAL B 140 -17.64 -24.84 -5.48
C VAL B 140 -18.53 -24.76 -4.23
N THR B 141 -18.80 -25.90 -3.59
CA THR B 141 -19.67 -26.01 -2.40
C THR B 141 -19.09 -25.14 -1.28
N PRO B 142 -19.82 -24.10 -0.82
CA PRO B 142 -19.35 -23.25 0.27
C PRO B 142 -19.16 -24.03 1.58
N ILE B 143 -18.34 -23.49 2.50
CA ILE B 143 -17.92 -24.19 3.75
C ILE B 143 -19.14 -24.40 4.66
N PHE B 144 -20.08 -23.46 4.71
CA PHE B 144 -21.24 -23.54 5.65
C PHE B 144 -22.23 -24.61 5.16
N ASP B 145 -22.36 -24.81 3.86
CA ASP B 145 -23.16 -25.93 3.27
C ASP B 145 -22.57 -27.25 3.77
N ASN B 146 -21.27 -27.45 3.63
CA ASN B 146 -20.55 -28.69 4.02
C ASN B 146 -20.67 -28.91 5.55
N ILE B 147 -20.75 -27.83 6.33
CA ILE B 147 -20.93 -27.89 7.82
C ILE B 147 -22.35 -28.35 8.13
N ILE B 148 -23.36 -27.84 7.40
CA ILE B 148 -24.79 -28.24 7.55
C ILE B 148 -24.92 -29.75 7.25
N SER B 149 -24.21 -30.24 6.23
CA SER B 149 -24.24 -31.67 5.79
C SER B 149 -23.83 -32.61 6.93
N GLN B 150 -22.91 -32.17 7.80
CA GLN B 150 -22.41 -32.96 8.96
C GLN B 150 -23.53 -33.16 9.99
N GLY B 151 -24.48 -32.22 10.08
CA GLY B 151 -25.63 -32.26 11.00
C GLY B 151 -25.19 -32.23 12.46
N VAL B 152 -24.19 -31.42 12.79
CA VAL B 152 -23.63 -31.27 14.18
C VAL B 152 -24.15 -29.97 14.81
N LEU B 153 -24.59 -29.00 13.99
CA LEU B 153 -25.03 -27.67 14.48
C LEU B 153 -26.41 -27.77 15.14
N LYS B 154 -26.62 -27.03 16.22
CA LYS B 154 -27.92 -26.88 16.93
C LYS B 154 -28.97 -26.37 15.95
N GLU B 155 -28.66 -25.28 15.24
CA GLU B 155 -29.50 -24.65 14.19
C GLU B 155 -28.63 -24.38 12.96
N ASP B 156 -29.19 -24.45 11.76
CA ASP B 156 -28.49 -24.10 10.49
C ASP B 156 -28.45 -22.57 10.36
N VAL B 157 -27.81 -21.92 11.33
CA VAL B 157 -27.66 -20.43 11.41
C VAL B 157 -26.24 -20.11 11.90
N PHE B 158 -25.72 -18.95 11.49
CA PHE B 158 -24.48 -18.34 12.04
C PHE B 158 -24.78 -16.85 12.27
N SER B 159 -24.05 -16.21 13.18
CA SER B 159 -24.31 -14.81 13.61
C SER B 159 -23.00 -14.06 13.81
N PHE B 160 -23.06 -12.72 13.73
CA PHE B 160 -21.90 -11.79 13.72
C PHE B 160 -22.08 -10.72 14.81
N TYR B 161 -21.07 -10.58 15.67
CA TYR B 161 -20.86 -9.41 16.56
C TYR B 161 -19.55 -8.72 16.16
N TYR B 162 -19.64 -7.44 15.75
CA TYR B 162 -18.48 -6.54 15.52
C TYR B 162 -18.48 -5.46 16.60
N ASN B 163 -17.33 -5.24 17.24
CA ASN B 163 -17.15 -4.25 18.34
C ASN B 163 -16.55 -2.97 17.75
N ARG B 164 -16.76 -1.84 18.43
CA ARG B 164 -16.14 -0.53 18.11
C ARG B 164 -14.70 -0.54 18.62
N ASP B 165 -13.77 0.00 17.83
CA ASP B 165 -12.30 -0.03 18.10
C ASP B 165 -11.98 0.90 19.29
N SER B 166 -12.69 2.03 19.39
CA SER B 166 -12.49 3.09 20.42
C SER B 166 -13.29 2.77 21.69
N GLU B 167 -14.54 2.31 21.53
CA GLU B 167 -15.48 1.97 22.64
C GLU B 167 -14.80 1.01 23.62
N ASN B 168 -14.04 0.03 23.09
CA ASN B 168 -13.27 -0.97 23.88
C ASN B 168 -11.79 -0.92 23.42
N SER B 169 -10.85 -0.99 24.36
CA SER B 169 -9.39 -1.01 24.13
C SER B 169 -8.75 -2.15 24.93
N GLN B 170 -8.04 -3.06 24.25
CA GLN B 170 -7.44 -4.29 24.83
C GLN B 170 -8.55 -5.21 25.34
N SER B 171 -9.52 -5.53 24.46
CA SER B 171 -10.67 -6.45 24.72
C SER B 171 -11.24 -6.96 23.39
N LEU B 172 -12.40 -7.64 23.44
CA LEU B 172 -12.99 -8.45 22.33
C LEU B 172 -13.25 -7.57 21.09
N GLY B 173 -12.63 -7.91 19.97
CA GLY B 173 -12.77 -7.20 18.68
C GLY B 173 -14.07 -7.56 17.97
N GLY B 174 -14.47 -8.84 18.05
CA GLY B 174 -15.73 -9.36 17.49
C GLY B 174 -15.89 -10.85 17.76
N GLN B 175 -17.01 -11.44 17.33
CA GLN B 175 -17.31 -12.88 17.52
C GLN B 175 -18.26 -13.39 16.43
N ILE B 176 -17.90 -14.50 15.78
CA ILE B 176 -18.82 -15.32 14.94
C ILE B 176 -19.26 -16.53 15.76
N VAL B 177 -20.57 -16.80 15.81
CA VAL B 177 -21.16 -18.04 16.39
C VAL B 177 -21.69 -18.88 15.23
N LEU B 178 -21.23 -20.13 15.12
CA LEU B 178 -21.77 -21.15 14.18
C LEU B 178 -22.75 -22.03 14.96
N GLY B 179 -24.03 -22.03 14.58
CA GLY B 179 -25.08 -22.87 15.18
C GLY B 179 -26.09 -22.11 16.02
N GLY B 180 -25.90 -20.79 16.19
CA GLY B 180 -26.81 -19.93 16.97
C GLY B 180 -26.31 -18.51 17.12
N SER B 181 -26.84 -17.78 18.10
CA SER B 181 -26.48 -16.39 18.45
C SER B 181 -26.16 -16.31 19.95
N ASP B 182 -25.21 -15.45 20.33
CA ASP B 182 -24.77 -15.23 21.73
C ASP B 182 -25.54 -14.05 22.31
N PRO B 183 -26.51 -14.29 23.24
CA PRO B 183 -27.32 -13.21 23.81
C PRO B 183 -26.55 -12.21 24.68
N GLN B 184 -25.28 -12.51 24.98
CA GLN B 184 -24.36 -11.60 25.73
C GLN B 184 -24.03 -10.36 24.89
N HIS B 185 -24.15 -10.44 23.56
CA HIS B 185 -23.68 -9.40 22.61
C HIS B 185 -24.84 -8.68 21.90
N TYR B 186 -26.09 -9.06 22.17
CA TYR B 186 -27.30 -8.33 21.67
C TYR B 186 -28.37 -8.26 22.77
N GLU B 187 -29.22 -7.22 22.71
CA GLU B 187 -30.33 -6.97 23.66
C GLU B 187 -31.66 -7.06 22.92
N GLY B 188 -32.72 -7.50 23.62
CA GLY B 188 -34.07 -7.71 23.07
C GLY B 188 -34.13 -8.97 22.22
N ASN B 189 -35.10 -9.03 21.29
CA ASN B 189 -35.32 -10.17 20.38
C ASN B 189 -34.97 -9.74 18.95
N PHE B 190 -34.66 -10.71 18.08
CA PHE B 190 -34.35 -10.50 16.65
C PHE B 190 -35.62 -10.09 15.91
N HIS B 191 -35.53 -9.03 15.10
CA HIS B 191 -36.49 -8.74 14.00
C HIS B 191 -36.00 -9.45 12.74
N TYR B 192 -36.72 -10.49 12.31
CA TYR B 192 -36.36 -11.33 11.14
C TYR B 192 -36.96 -10.71 9.87
N ILE B 193 -36.21 -10.77 8.77
CA ILE B 193 -36.62 -10.31 7.41
C ILE B 193 -36.28 -11.43 6.43
N ASN B 194 -37.26 -11.89 5.66
CA ASN B 194 -37.09 -12.95 4.64
C ASN B 194 -36.22 -12.42 3.49
N LEU B 195 -35.33 -13.26 2.96
CA LEU B 195 -34.57 -12.99 1.72
C LEU B 195 -35.57 -12.91 0.56
N ILE B 196 -35.31 -12.02 -0.41
CA ILE B 196 -36.11 -11.90 -1.66
C ILE B 196 -36.13 -13.27 -2.35
N LYS B 197 -34.95 -13.85 -2.52
CA LYS B 197 -34.72 -15.17 -3.17
C LYS B 197 -33.48 -15.81 -2.55
N THR B 198 -33.47 -17.14 -2.41
CA THR B 198 -32.31 -17.93 -1.92
C THR B 198 -31.18 -17.77 -2.94
N GLY B 199 -29.92 -17.88 -2.49
CA GLY B 199 -28.71 -17.75 -3.33
C GLY B 199 -27.93 -16.49 -3.06
N VAL B 200 -28.53 -15.51 -2.35
CA VAL B 200 -27.86 -14.24 -1.94
C VAL B 200 -28.41 -13.82 -0.57
N TRP B 201 -27.55 -13.32 0.32
CA TRP B 201 -27.94 -12.69 1.61
C TRP B 201 -28.43 -11.26 1.33
N GLN B 202 -29.49 -11.14 0.52
CA GLN B 202 -30.03 -9.86 0.00
C GLN B 202 -31.50 -9.74 0.40
N ILE B 203 -31.91 -8.55 0.88
CA ILE B 203 -33.30 -8.25 1.32
C ILE B 203 -33.77 -6.97 0.63
N GLN B 204 -35.10 -6.75 0.60
CA GLN B 204 -35.73 -5.52 0.08
C GLN B 204 -35.49 -4.37 1.07
N MET B 205 -35.24 -3.17 0.57
CA MET B 205 -35.16 -1.92 1.37
C MET B 205 -36.20 -0.93 0.83
N LYS B 206 -37.09 -0.46 1.72
CA LYS B 206 -38.25 0.42 1.38
C LYS B 206 -37.75 1.85 1.08
N GLY B 207 -36.71 2.29 1.79
CA GLY B 207 -36.15 3.66 1.64
C GLY B 207 -34.95 3.91 2.53
N VAL B 208 -34.16 4.93 2.20
CA VAL B 208 -33.01 5.43 2.99
C VAL B 208 -33.29 6.91 3.33
N SER B 209 -33.38 7.23 4.62
CA SER B 209 -33.75 8.57 5.16
C SER B 209 -32.52 9.28 5.73
N VAL B 210 -32.34 10.55 5.37
CA VAL B 210 -31.35 11.49 5.98
C VAL B 210 -32.13 12.53 6.79
N GLY B 211 -32.16 12.38 8.12
CA GLY B 211 -33.02 13.16 9.03
C GLY B 211 -34.41 12.53 9.12
N SER B 212 -35.46 13.31 8.90
CA SER B 212 -36.87 12.85 8.81
C SER B 212 -37.21 12.51 7.35
N SER B 213 -36.71 13.32 6.41
CA SER B 213 -36.96 13.20 4.95
C SER B 213 -36.35 11.91 4.40
N THR B 214 -37.05 11.27 3.45
CA THR B 214 -36.56 10.09 2.68
C THR B 214 -35.92 10.59 1.38
N LEU B 215 -34.59 10.76 1.39
CA LEU B 215 -33.80 11.32 0.27
C LEU B 215 -33.66 10.28 -0.85
N LEU B 216 -33.42 9.01 -0.50
CA LEU B 216 -32.96 7.95 -1.45
C LEU B 216 -33.85 6.72 -1.34
N CYS B 217 -33.81 5.86 -2.38
CA CYS B 217 -34.47 4.52 -2.43
C CYS B 217 -35.98 4.68 -2.21
N GLU B 218 -36.59 5.67 -2.88
CA GLU B 218 -37.99 6.12 -2.62
C GLU B 218 -38.99 5.08 -3.14
N ASP B 219 -38.69 4.45 -4.28
CA ASP B 219 -39.56 3.47 -4.98
C ASP B 219 -39.18 2.04 -4.58
N GLY B 220 -38.23 1.88 -3.65
CA GLY B 220 -37.71 0.57 -3.21
C GLY B 220 -36.37 0.26 -3.87
N CYS B 221 -35.54 -0.55 -3.22
CA CYS B 221 -34.20 -0.96 -3.70
C CYS B 221 -33.71 -2.19 -2.93
N LEU B 222 -32.53 -2.71 -3.30
CA LEU B 222 -31.96 -3.97 -2.76
C LEU B 222 -30.91 -3.65 -1.69
N ALA B 223 -30.74 -4.55 -0.71
CA ALA B 223 -29.77 -4.44 0.40
C ALA B 223 -29.10 -5.81 0.62
N LEU B 224 -27.85 -5.94 0.15
CA LEU B 224 -26.95 -7.09 0.41
C LEU B 224 -26.30 -6.89 1.78
N VAL B 225 -26.33 -7.91 2.65
CA VAL B 225 -25.68 -7.87 3.99
C VAL B 225 -24.32 -8.57 3.85
N ALA B 226 -23.24 -7.78 3.77
CA ALA B 226 -21.86 -8.22 3.46
C ALA B 226 -20.94 -7.97 4.67
N THR B 227 -20.78 -8.98 5.52
CA THR B 227 -19.98 -8.93 6.79
C THR B 227 -18.52 -8.59 6.48
N GLY B 228 -18.04 -8.93 5.28
CA GLY B 228 -16.64 -8.72 4.84
C GLY B 228 -16.39 -7.32 4.33
N ALA B 229 -17.44 -6.56 4.00
CA ALA B 229 -17.34 -5.14 3.57
C ALA B 229 -17.13 -4.26 4.80
N SER B 230 -16.10 -3.40 4.76
CA SER B 230 -15.71 -2.48 5.87
C SER B 230 -16.82 -1.46 6.11
N TYR B 231 -17.24 -0.78 5.05
CA TYR B 231 -18.21 0.35 5.08
C TYR B 231 -19.60 -0.12 4.68
N ILE B 232 -20.59 0.77 4.80
CA ILE B 232 -21.87 0.72 4.04
C ILE B 232 -21.57 1.26 2.64
N SER B 233 -21.89 0.49 1.60
CA SER B 233 -21.72 0.91 0.19
C SER B 233 -23.09 1.05 -0.48
N GLY B 234 -23.19 2.01 -1.41
CA GLY B 234 -24.30 2.16 -2.35
C GLY B 234 -23.77 2.46 -3.75
N SER B 235 -24.66 2.64 -4.73
CA SER B 235 -24.30 3.05 -6.12
C SER B 235 -23.66 4.44 -6.07
N THR B 236 -22.72 4.72 -6.98
CA THR B 236 -22.06 6.04 -7.15
C THR B 236 -23.16 7.12 -7.18
N SER B 237 -24.21 6.87 -7.95
CA SER B 237 -25.42 7.73 -8.10
C SER B 237 -26.00 8.06 -6.72
N SER B 238 -26.33 7.03 -5.92
CA SER B 238 -26.98 7.15 -4.59
C SER B 238 -26.04 7.85 -3.59
N ILE B 239 -24.75 7.47 -3.58
CA ILE B 239 -23.76 7.94 -2.57
C ILE B 239 -23.43 9.42 -2.84
N GLU B 240 -23.37 9.84 -4.11
CA GLU B 240 -23.14 11.27 -4.46
C GLU B 240 -24.28 12.12 -3.90
N LYS B 241 -25.52 11.65 -3.97
CA LYS B 241 -26.72 12.35 -3.44
C LYS B 241 -26.66 12.38 -1.91
N LEU B 242 -26.38 11.23 -1.28
CA LEU B 242 -26.28 11.10 0.20
C LEU B 242 -25.26 12.11 0.73
N MET B 243 -24.08 12.18 0.12
CA MET B 243 -22.92 12.99 0.59
C MET B 243 -23.18 14.48 0.33
N GLU B 244 -23.93 14.81 -0.73
CA GLU B 244 -24.43 16.18 -1.00
C GLU B 244 -25.30 16.63 0.18
N ALA B 245 -26.22 15.76 0.62
CA ALA B 245 -27.19 16.02 1.72
C ALA B 245 -26.46 16.17 3.07
N LEU B 246 -25.39 15.40 3.29
CA LEU B 246 -24.58 15.43 4.55
C LEU B 246 -23.62 16.62 4.53
N GLY B 247 -23.37 17.20 3.35
CA GLY B 247 -22.37 18.29 3.16
C GLY B 247 -20.95 17.75 3.21
N ALA B 248 -20.77 16.46 2.90
CA ALA B 248 -19.46 15.76 2.87
C ALA B 248 -18.78 16.04 1.53
N LYS B 249 -17.45 16.16 1.54
CA LYS B 249 -16.60 16.42 0.35
C LYS B 249 -15.67 15.23 0.12
N LYS B 250 -15.32 14.99 -1.15
CA LYS B 250 -14.38 13.91 -1.58
C LYS B 250 -12.95 14.42 -1.38
N ARG B 251 -12.17 13.73 -0.53
CA ARG B 251 -10.73 13.99 -0.27
C ARG B 251 -9.96 12.72 -0.64
N LEU B 252 -9.22 12.76 -1.75
CA LEU B 252 -8.60 11.58 -2.41
C LEU B 252 -9.65 10.46 -2.51
N PHE B 253 -9.52 9.38 -1.73
CA PHE B 253 -10.36 8.16 -1.81
C PHE B 253 -11.54 8.27 -0.85
N ASP B 254 -11.40 9.08 0.21
CA ASP B 254 -12.37 9.17 1.34
C ASP B 254 -13.42 10.22 1.04
N TYR B 255 -14.61 10.08 1.64
CA TYR B 255 -15.59 11.18 1.86
C TYR B 255 -15.35 11.71 3.28
N VAL B 256 -15.15 13.02 3.41
CA VAL B 256 -14.79 13.69 4.70
C VAL B 256 -15.75 14.83 4.98
N VAL B 257 -15.92 15.15 6.27
CA VAL B 257 -16.50 16.42 6.79
C VAL B 257 -15.49 17.01 7.77
N LYS B 258 -15.60 18.30 8.07
CA LYS B 258 -14.83 18.95 9.15
C LYS B 258 -15.24 18.28 10.46
N CYS B 259 -14.25 17.89 11.28
CA CYS B 259 -14.43 17.01 12.47
C CYS B 259 -15.39 17.65 13.49
N ASN B 260 -15.43 18.98 13.56
CA ASN B 260 -16.29 19.75 14.50
C ASN B 260 -17.77 19.64 14.07
N GLU B 261 -18.02 19.50 12.77
CA GLU B 261 -19.39 19.40 12.17
C GLU B 261 -19.89 17.95 12.24
N GLY B 262 -18.99 16.99 12.46
CA GLY B 262 -19.31 15.54 12.50
C GLY B 262 -20.47 15.21 13.44
N PRO B 263 -20.40 15.59 14.74
CA PRO B 263 -21.44 15.23 15.71
C PRO B 263 -22.83 15.82 15.48
N THR B 264 -22.98 16.80 14.59
CA THR B 264 -24.28 17.45 14.25
C THR B 264 -24.82 16.94 12.91
N LEU B 265 -24.12 16.02 12.24
CA LEU B 265 -24.60 15.38 10.98
C LEU B 265 -25.87 14.61 11.30
N PRO B 266 -26.86 14.59 10.37
CA PRO B 266 -28.16 13.96 10.64
C PRO B 266 -28.08 12.43 10.69
N ASP B 267 -29.02 11.81 11.40
CA ASP B 267 -29.22 10.33 11.44
C ASP B 267 -29.42 9.83 10.01
N ILE B 268 -28.86 8.65 9.70
CA ILE B 268 -29.14 7.89 8.45
C ILE B 268 -29.94 6.65 8.84
N SER B 269 -31.12 6.47 8.24
CA SER B 269 -32.08 5.38 8.56
C SER B 269 -32.33 4.51 7.32
N PHE B 270 -32.17 3.19 7.46
CA PHE B 270 -32.43 2.16 6.42
C PHE B 270 -33.73 1.44 6.78
N HIS B 271 -34.74 1.57 5.91
CA HIS B 271 -36.11 1.04 6.11
C HIS B 271 -36.17 -0.41 5.63
N LEU B 272 -36.13 -1.36 6.59
CA LEU B 272 -36.01 -2.82 6.33
C LEU B 272 -37.10 -3.56 7.13
N GLY B 273 -37.94 -4.32 6.44
CA GLY B 273 -39.04 -5.10 7.04
C GLY B 273 -39.97 -4.21 7.86
N GLY B 274 -40.42 -3.10 7.27
CA GLY B 274 -41.35 -2.14 7.88
C GLY B 274 -40.85 -1.61 9.22
N LYS B 275 -39.54 -1.35 9.34
CA LYS B 275 -38.88 -0.89 10.58
C LYS B 275 -37.64 -0.05 10.21
N GLU B 276 -37.37 1.00 11.00
CA GLU B 276 -36.23 1.94 10.76
C GLU B 276 -34.99 1.42 11.49
N TYR B 277 -33.90 1.21 10.75
CA TYR B 277 -32.55 0.88 11.29
C TYR B 277 -31.67 2.12 11.14
N THR B 278 -31.46 2.84 12.26
CA THR B 278 -30.89 4.20 12.33
C THR B 278 -29.41 4.13 12.73
N LEU B 279 -28.56 4.87 12.03
CA LEU B 279 -27.17 5.17 12.42
C LEU B 279 -27.05 6.68 12.67
N THR B 280 -26.61 7.07 13.87
CA THR B 280 -26.28 8.47 14.22
C THR B 280 -24.91 8.79 13.65
N SER B 281 -24.49 10.06 13.66
CA SER B 281 -23.19 10.53 13.11
C SER B 281 -22.03 9.83 13.83
N ALA B 282 -22.21 9.45 15.10
CA ALA B 282 -21.21 8.74 15.92
C ALA B 282 -20.98 7.32 15.37
N ASP B 283 -21.96 6.77 14.62
CA ASP B 283 -21.94 5.37 14.11
C ASP B 283 -21.21 5.30 12.75
N TYR B 284 -21.24 6.37 11.95
CA TYR B 284 -20.68 6.35 10.56
C TYR B 284 -19.59 7.42 10.36
N VAL B 285 -19.22 8.18 11.39
CA VAL B 285 -18.07 9.13 11.34
C VAL B 285 -16.96 8.60 12.25
N PHE B 286 -15.72 8.57 11.75
CA PHE B 286 -14.49 8.27 12.52
C PHE B 286 -13.99 9.58 13.15
N GLN B 287 -14.51 9.91 14.34
CA GLN B 287 -14.16 11.15 15.11
C GLN B 287 -12.77 10.99 15.72
N GLU B 288 -11.73 11.09 14.89
CA GLU B 288 -10.30 11.08 15.31
C GLU B 288 -10.02 12.37 16.10
N SER B 289 -10.62 13.48 15.65
CA SER B 289 -10.55 14.84 16.28
C SER B 289 -11.95 15.43 16.37
N TYR B 290 -12.08 16.60 17.00
CA TYR B 290 -13.29 17.47 16.99
C TYR B 290 -12.92 18.88 16.53
N SER B 291 -11.70 19.06 16.00
CA SER B 291 -11.14 20.36 15.54
C SER B 291 -11.85 20.80 14.25
N SER B 292 -12.00 22.12 14.06
CA SER B 292 -12.63 22.74 12.87
C SER B 292 -11.65 22.83 11.71
N LYS B 293 -10.39 22.42 11.93
CA LYS B 293 -9.28 22.48 10.94
C LYS B 293 -8.97 21.08 10.40
N LYS B 294 -9.32 20.02 11.14
CA LYS B 294 -9.08 18.61 10.76
C LYS B 294 -10.30 18.04 10.02
N LEU B 295 -10.06 17.16 9.05
CA LEU B 295 -11.11 16.42 8.28
C LEU B 295 -11.23 15.01 8.85
N CYS B 296 -12.47 14.57 9.13
CA CYS B 296 -12.80 13.21 9.65
C CYS B 296 -13.48 12.40 8.54
N THR B 297 -13.16 11.10 8.44
CA THR B 297 -13.61 10.17 7.37
C THR B 297 -14.97 9.59 7.73
N LEU B 298 -15.88 9.46 6.75
CA LEU B 298 -17.19 8.77 6.90
C LEU B 298 -17.02 7.29 6.50
N ALA B 299 -17.62 6.38 7.27
CA ALA B 299 -17.56 4.91 7.05
C ALA B 299 -18.63 4.51 6.02
N ILE B 300 -18.69 5.22 4.90
CA ILE B 300 -19.64 5.03 3.77
C ILE B 300 -18.90 5.37 2.47
N HIS B 301 -19.08 4.59 1.41
CA HIS B 301 -18.43 4.82 0.09
C HIS B 301 -19.29 4.25 -1.04
N ALA B 302 -18.88 4.48 -2.29
CA ALA B 302 -19.57 4.04 -3.52
C ALA B 302 -18.96 2.71 -3.99
N MET B 303 -19.80 1.70 -4.20
CA MET B 303 -19.42 0.42 -4.86
C MET B 303 -20.55 0.00 -5.80
N ASP B 304 -20.33 0.14 -7.12
CA ASP B 304 -21.29 -0.26 -8.17
C ASP B 304 -21.16 -1.77 -8.39
N ILE B 305 -21.95 -2.57 -7.67
CA ILE B 305 -21.97 -4.05 -7.78
C ILE B 305 -22.73 -4.41 -9.05
N PRO B 306 -22.14 -5.22 -9.97
CA PRO B 306 -22.78 -5.52 -11.24
C PRO B 306 -23.96 -6.48 -11.11
N PRO B 307 -24.85 -6.56 -12.12
CA PRO B 307 -25.90 -7.59 -12.16
C PRO B 307 -25.28 -8.98 -12.23
N PRO B 308 -25.99 -10.06 -11.80
CA PRO B 308 -27.37 -9.95 -11.32
C PRO B 308 -27.59 -9.50 -9.86
N THR B 309 -26.55 -9.54 -9.01
CA THR B 309 -26.63 -9.21 -7.56
C THR B 309 -26.96 -7.73 -7.37
N GLY B 310 -26.31 -6.85 -8.16
CA GLY B 310 -26.53 -5.39 -8.12
C GLY B 310 -27.32 -4.91 -9.34
N PRO B 311 -27.59 -3.58 -9.46
CA PRO B 311 -27.20 -2.60 -8.45
C PRO B 311 -27.88 -2.85 -7.10
N THR B 312 -27.17 -2.57 -6.00
CA THR B 312 -27.61 -2.86 -4.61
C THR B 312 -26.76 -2.07 -3.61
N TRP B 313 -27.35 -1.71 -2.48
CA TRP B 313 -26.62 -1.30 -1.25
C TRP B 313 -25.94 -2.54 -0.67
N ALA B 314 -24.81 -2.36 0.00
CA ALA B 314 -24.13 -3.38 0.83
C ALA B 314 -24.01 -2.85 2.25
N LEU B 315 -24.60 -3.55 3.23
CA LEU B 315 -24.52 -3.19 4.67
C LEU B 315 -23.33 -3.95 5.29
N GLY B 316 -22.22 -3.26 5.50
CA GLY B 316 -20.96 -3.83 6.00
C GLY B 316 -20.80 -3.64 7.50
N ALA B 317 -19.55 -3.57 7.96
CA ALA B 317 -19.17 -3.53 9.40
C ALA B 317 -19.75 -2.29 10.07
N THR B 318 -19.92 -1.18 9.33
CA THR B 318 -20.51 0.08 9.85
C THR B 318 -21.92 -0.22 10.41
N PHE B 319 -22.71 -1.02 9.68
CA PHE B 319 -24.09 -1.41 10.05
C PHE B 319 -24.06 -2.45 11.17
N ILE B 320 -23.23 -3.49 11.01
CA ILE B 320 -23.18 -4.68 11.91
C ILE B 320 -22.68 -4.27 13.31
N ARG B 321 -21.79 -3.27 13.39
CA ARG B 321 -21.30 -2.69 14.68
C ARG B 321 -22.49 -2.24 15.53
N LYS B 322 -23.52 -1.66 14.89
CA LYS B 322 -24.77 -1.19 15.54
C LYS B 322 -25.70 -2.38 15.80
N PHE B 323 -25.88 -3.25 14.79
CA PHE B 323 -26.92 -4.31 14.78
C PHE B 323 -26.28 -5.70 14.62
N TYR B 324 -26.21 -6.45 15.72
CA TYR B 324 -25.89 -7.91 15.76
C TYR B 324 -26.79 -8.61 14.73
N THR B 325 -26.19 -9.41 13.84
CA THR B 325 -26.87 -9.99 12.65
C THR B 325 -26.79 -11.52 12.69
N GLU B 326 -27.93 -12.20 12.55
CA GLU B 326 -28.06 -13.68 12.49
C GLU B 326 -28.49 -14.09 11.09
N PHE B 327 -27.70 -14.92 10.42
CA PHE B 327 -27.92 -15.43 9.05
C PHE B 327 -28.48 -16.85 9.13
N ASP B 328 -29.77 -17.01 8.79
CA ASP B 328 -30.58 -18.24 9.01
C ASP B 328 -30.80 -18.94 7.67
N ARG B 329 -30.10 -20.05 7.43
CA ARG B 329 -30.13 -20.81 6.15
C ARG B 329 -31.35 -21.74 6.11
N ARG B 330 -31.83 -22.17 7.28
CA ARG B 330 -33.05 -23.03 7.43
C ARG B 330 -34.26 -22.29 6.84
N ASN B 331 -34.50 -21.06 7.31
CA ASN B 331 -35.72 -20.26 6.99
C ASN B 331 -35.40 -19.14 5.98
N ASN B 332 -34.19 -19.10 5.43
CA ASN B 332 -33.72 -18.11 4.43
C ASN B 332 -34.18 -16.71 4.84
N ARG B 333 -33.73 -16.25 6.00
CA ARG B 333 -34.07 -14.93 6.59
C ARG B 333 -32.86 -14.37 7.34
N ILE B 334 -32.85 -13.05 7.58
CA ILE B 334 -31.81 -12.35 8.38
C ILE B 334 -32.49 -11.71 9.60
N GLY B 335 -31.92 -11.93 10.79
CA GLY B 335 -32.37 -11.32 12.06
C GLY B 335 -31.43 -10.20 12.49
N PHE B 336 -31.99 -9.02 12.81
CA PHE B 336 -31.25 -7.85 13.35
C PHE B 336 -31.71 -7.58 14.78
N ALA B 337 -30.75 -7.26 15.66
CA ALA B 337 -30.97 -6.85 17.07
C ALA B 337 -29.86 -5.88 17.46
N LEU B 338 -30.15 -4.93 18.35
CA LEU B 338 -29.16 -3.95 18.88
C LEU B 338 -27.99 -4.73 19.49
N ALA B 339 -26.77 -4.49 18.99
CA ALA B 339 -25.51 -4.94 19.62
C ALA B 339 -25.29 -4.12 20.90
N ARG B 340 -24.57 -4.69 21.87
CA ARG B 340 -24.30 -4.03 23.19
C ARG B 340 -22.80 -4.08 23.48
#